data_3UAU
#
_entry.id   3UAU
#
_cell.length_a   111.632
_cell.length_b   111.632
_cell.length_c   170.369
_cell.angle_alpha   90.00
_cell.angle_beta   90.00
_cell.angle_gamma   90.00
#
_symmetry.space_group_name_H-M   'P 41 21 2'
#
_entity_poly.entity_id   1
_entity_poly.type   'polypeptide(L)'
_entity_poly.pdbx_seq_one_letter_code
;MGHHHHHHHHHHSSGHIDDDDKHMCGNSIDEKTVKKYENQLNQTVKQEIASLSQDSGIKIEFSDFKCNADGDFIACLSPN
FKTLAKDNNDEYQELFQAKNIKIRSNEIYKGETNTSISIKEYYNDLFKNQKSIQSNLVFEDFKLGEKVVSDINASLFQQD
PKISSFINKLSSDSYTLSFDNSINKQENNYLDNLDIKFYNAKLNFNTNLNINLKEDLLNYLDSKGIKFNTQTLAMDEQAI
NELLNMVNYEQASDFSNTIQKYIILNNFKIDSTLKTEGVFSSYIATAKENLQTLKAQSQNEEQALIFDKALAILNNITQN
DDYKLNLDLKFKNIPVSDYSTQGIDSIEKLSINNQDATEALKIILPFIMFSMLMGGASF
;
_entity_poly.pdbx_strand_id   A,B
#
# COMPACT_ATOMS: atom_id res chain seq x y z
N MET A 24 9.48 -4.85 8.07
CA MET A 24 9.11 -5.00 6.64
C MET A 24 7.62 -4.77 6.46
N CYS A 25 7.31 -3.81 5.60
CA CYS A 25 5.96 -3.35 5.43
C CYS A 25 5.31 -3.78 4.12
N GLY A 26 4.26 -4.59 4.22
CA GLY A 26 3.45 -4.90 3.04
C GLY A 26 2.37 -5.93 3.22
N ASN A 27 1.33 -5.82 2.38
CA ASN A 27 0.20 -6.75 2.36
C ASN A 27 -0.27 -7.15 3.75
N SER A 28 -0.56 -6.16 4.58
CA SER A 28 -1.15 -6.43 5.87
C SER A 28 -2.66 -6.31 5.76
N ILE A 29 -3.16 -5.77 4.68
CA ILE A 29 -4.57 -5.64 4.60
C ILE A 29 -5.05 -6.47 3.45
N ASP A 30 -5.86 -7.49 3.77
CA ASP A 30 -6.45 -8.30 2.74
C ASP A 30 -7.47 -7.49 1.98
N GLU A 31 -7.71 -7.89 0.76
CA GLU A 31 -8.60 -7.16 -0.10
C GLU A 31 -10.04 -7.15 0.38
N LYS A 32 -10.53 -8.27 0.89
CA LYS A 32 -11.90 -8.32 1.39
C LYS A 32 -12.14 -7.16 2.35
N THR A 33 -11.13 -6.80 3.12
CA THR A 33 -11.30 -5.83 4.16
C THR A 33 -11.37 -4.48 3.54
N VAL A 34 -10.33 -4.20 2.75
CA VAL A 34 -10.28 -3.01 1.93
C VAL A 34 -11.58 -2.78 1.21
N LYS A 35 -12.25 -3.81 0.73
CA LYS A 35 -13.48 -3.51 0.04
C LYS A 35 -14.50 -3.09 1.05
N LYS A 36 -14.50 -3.74 2.20
CA LYS A 36 -15.44 -3.43 3.28
C LYS A 36 -15.35 -1.98 3.69
N TYR A 37 -14.15 -1.56 4.10
CA TYR A 37 -13.98 -0.16 4.48
C TYR A 37 -14.49 0.82 3.40
N GLU A 38 -14.52 0.39 2.13
CA GLU A 38 -14.77 1.27 1.00
C GLU A 38 -16.23 1.46 0.93
N ASN A 39 -16.91 0.34 1.11
CA ASN A 39 -18.37 0.26 1.07
C ASN A 39 -18.91 1.17 2.18
N GLN A 40 -18.20 1.14 3.30
CA GLN A 40 -18.69 1.80 4.48
C GLN A 40 -18.43 3.26 4.33
N LEU A 41 -17.21 3.66 3.98
CA LEU A 41 -16.93 5.04 3.56
C LEU A 41 -17.91 5.61 2.41
N ASN A 42 -18.03 4.92 1.29
CA ASN A 42 -18.97 5.43 0.28
C ASN A 42 -20.38 5.55 0.87
N GLN A 43 -20.71 4.72 1.88
CA GLN A 43 -22.07 4.72 2.37
C GLN A 43 -22.27 5.87 3.32
N THR A 44 -21.33 6.10 4.22
CA THR A 44 -21.46 7.22 5.17
C THR A 44 -21.61 8.56 4.46
N VAL A 45 -20.63 8.86 3.63
CA VAL A 45 -20.62 10.07 2.82
C VAL A 45 -21.91 10.26 2.03
N LYS A 46 -22.40 9.21 1.38
CA LYS A 46 -23.54 9.33 0.48
C LYS A 46 -24.75 9.76 1.29
N GLN A 47 -24.80 9.25 2.51
CA GLN A 47 -25.84 9.66 3.42
C GLN A 47 -25.66 11.13 3.76
N GLU A 48 -24.45 11.50 4.08
CA GLU A 48 -24.20 12.87 4.47
C GLU A 48 -24.43 13.82 3.34
N ILE A 49 -24.15 13.42 2.10
CA ILE A 49 -24.56 14.28 0.99
C ILE A 49 -26.09 14.42 1.09
N ALA A 50 -26.79 13.30 1.15
CA ALA A 50 -28.21 13.27 0.92
C ALA A 50 -28.93 13.89 2.11
N SER A 51 -28.30 13.76 3.28
CA SER A 51 -28.78 14.41 4.49
C SER A 51 -28.62 15.92 4.38
N LEU A 52 -27.42 16.37 4.04
CA LEU A 52 -27.20 17.83 3.86
C LEU A 52 -28.07 18.42 2.75
N SER A 53 -28.16 17.71 1.64
CA SER A 53 -28.71 18.22 0.39
C SER A 53 -30.22 18.43 0.38
N GLN A 54 -30.96 17.39 0.74
CA GLN A 54 -32.41 17.35 0.45
C GLN A 54 -33.11 18.57 0.99
N ASP A 55 -33.98 19.10 0.13
CA ASP A 55 -34.77 20.26 0.45
C ASP A 55 -33.91 21.50 0.74
N SER A 56 -32.59 21.38 0.61
CA SER A 56 -31.71 22.44 1.10
C SER A 56 -31.26 23.41 0.01
N GLY A 57 -31.04 22.92 -1.22
CA GLY A 57 -30.51 23.77 -2.30
C GLY A 57 -28.99 23.80 -2.30
N ILE A 58 -28.40 23.20 -1.26
CA ILE A 58 -27.08 22.63 -1.38
C ILE A 58 -27.18 21.34 -2.21
N LYS A 59 -26.33 21.21 -3.22
CA LYS A 59 -26.25 20.01 -4.03
C LYS A 59 -24.80 19.60 -3.99
N ILE A 60 -24.53 18.30 -4.08
CA ILE A 60 -23.15 17.83 -4.17
C ILE A 60 -22.97 16.76 -5.25
N GLU A 61 -21.98 16.97 -6.10
CA GLU A 61 -21.46 15.90 -6.92
C GLU A 61 -20.22 15.25 -6.22
N PHE A 62 -20.21 13.92 -6.35
CA PHE A 62 -19.33 13.05 -5.64
C PHE A 62 -19.33 11.67 -6.29
N SER A 63 -18.18 11.22 -6.74
CA SER A 63 -18.02 9.84 -7.15
C SER A 63 -17.44 8.99 -5.96
N ASP A 64 -18.04 7.81 -5.77
CA ASP A 64 -17.57 6.81 -4.84
C ASP A 64 -16.08 6.89 -4.84
N PHE A 65 -15.47 6.58 -3.68
CA PHE A 65 -14.04 6.39 -3.61
C PHE A 65 -13.69 5.01 -4.19
N LYS A 66 -12.45 4.93 -4.68
CA LYS A 66 -11.73 3.68 -4.94
C LYS A 66 -10.70 3.61 -3.82
N CYS A 67 -10.54 2.44 -3.23
CA CYS A 67 -9.59 2.27 -2.12
C CYS A 67 -8.59 1.11 -2.35
N ASN A 68 -7.37 1.35 -1.97
CA ASN A 68 -6.33 0.35 -2.07
C ASN A 68 -5.44 0.39 -0.84
N ALA A 69 -5.06 -0.78 -0.33
CA ALA A 69 -4.16 -0.87 0.86
C ALA A 69 -2.84 -0.19 0.59
N ASP A 70 -2.34 0.56 1.57
CA ASP A 70 -0.97 1.06 1.49
C ASP A 70 -0.21 0.75 2.77
N GLY A 71 0.08 -0.52 2.99
CA GLY A 71 0.67 -0.97 4.23
C GLY A 71 -0.42 -1.03 5.25
N ASP A 72 -0.27 -0.29 6.33
CA ASP A 72 -1.25 -0.34 7.40
C ASP A 72 -2.32 0.62 7.04
N PHE A 73 -2.02 1.59 6.18
CA PHE A 73 -3.05 2.56 5.82
C PHE A 73 -3.92 1.92 4.80
N ILE A 74 -5.07 2.51 4.56
CA ILE A 74 -5.91 2.25 3.42
C ILE A 74 -6.01 3.59 2.71
N ALA A 75 -5.89 3.65 1.38
CA ALA A 75 -5.82 4.87 0.62
C ALA A 75 -7.01 4.98 -0.29
N CYS A 76 -7.66 6.11 -0.23
CA CYS A 76 -8.93 6.17 -0.94
C CYS A 76 -8.95 7.35 -1.83
N LEU A 77 -9.47 7.23 -3.04
CA LEU A 77 -9.46 8.39 -3.93
C LEU A 77 -10.77 8.62 -4.67
N SER A 78 -11.46 9.73 -4.38
CA SER A 78 -12.69 10.10 -5.06
C SER A 78 -12.39 11.24 -5.93
N PRO A 79 -12.92 11.21 -7.17
CA PRO A 79 -12.71 12.24 -8.13
C PRO A 79 -13.88 13.12 -8.48
N ASN A 80 -13.51 14.28 -9.02
CA ASN A 80 -14.40 15.20 -9.66
C ASN A 80 -15.59 15.54 -8.82
N PHE A 81 -15.28 16.30 -7.79
CA PHE A 81 -16.13 16.61 -6.68
C PHE A 81 -16.39 18.11 -6.67
N LYS A 82 -17.55 18.53 -6.20
CA LYS A 82 -17.89 19.97 -6.12
C LYS A 82 -19.16 20.20 -5.30
N THR A 83 -19.31 21.40 -4.72
CA THR A 83 -20.45 21.72 -3.82
C THR A 83 -21.21 22.96 -4.40
N LEU A 84 -22.54 22.88 -4.56
CA LEU A 84 -23.27 24.01 -5.14
C LEU A 84 -24.42 24.48 -4.25
N ALA A 85 -24.36 25.70 -3.73
CA ALA A 85 -25.48 26.25 -2.99
C ALA A 85 -26.58 26.74 -3.99
N LYS A 86 -27.66 27.34 -3.50
CA LYS A 86 -28.72 27.72 -4.42
C LYS A 86 -28.84 29.19 -4.74
N ASP A 87 -28.97 29.45 -6.04
CA ASP A 87 -29.12 30.78 -6.58
C ASP A 87 -30.42 31.39 -6.08
N ASN A 88 -30.41 32.69 -5.77
CA ASN A 88 -31.65 33.29 -5.34
C ASN A 88 -32.56 33.17 -6.52
N ASN A 89 -32.01 33.45 -7.69
CA ASN A 89 -32.69 33.08 -8.90
C ASN A 89 -32.56 31.58 -8.81
N ASP A 90 -33.51 30.83 -9.36
CA ASP A 90 -33.44 29.38 -9.19
C ASP A 90 -32.52 28.64 -10.15
N GLU A 91 -31.22 28.75 -9.89
CA GLU A 91 -30.20 28.07 -10.67
C GLU A 91 -29.05 27.78 -9.71
N TYR A 92 -28.13 26.87 -10.04
CA TYR A 92 -27.10 26.56 -9.01
C TYR A 92 -25.76 27.27 -9.14
N GLN A 93 -25.26 27.73 -8.00
CA GLN A 93 -24.02 28.47 -7.94
C GLN A 93 -22.92 27.56 -7.37
N GLU A 94 -21.75 27.53 -8.01
CA GLU A 94 -20.69 26.69 -7.47
C GLU A 94 -20.02 27.36 -6.28
N LEU A 95 -20.01 26.66 -5.15
CA LEU A 95 -19.27 27.10 -3.98
C LEU A 95 -17.82 26.74 -4.21
N PHE A 96 -17.52 25.46 -4.31
CA PHE A 96 -16.12 25.06 -4.53
C PHE A 96 -16.04 23.67 -5.16
N GLN A 97 -14.81 23.30 -5.56
CA GLN A 97 -14.45 21.99 -6.13
C GLN A 97 -13.06 21.43 -5.70
N ALA A 98 -12.86 20.18 -6.12
CA ALA A 98 -11.59 19.44 -6.00
C ALA A 98 -11.48 18.38 -7.12
N LYS A 99 -10.26 18.17 -7.61
CA LYS A 99 -10.04 17.28 -8.75
C LYS A 99 -10.24 15.92 -8.19
N ASN A 100 -9.61 15.69 -7.05
CA ASN A 100 -9.78 14.46 -6.35
C ASN A 100 -9.84 14.84 -4.89
N ILE A 101 -10.46 13.95 -4.12
CA ILE A 101 -10.30 13.88 -2.70
C ILE A 101 -9.53 12.59 -2.40
N LYS A 102 -8.52 12.65 -1.55
CA LYS A 102 -7.87 11.41 -1.07
C LYS A 102 -8.10 11.31 0.38
N ILE A 103 -8.48 10.13 0.88
CA ILE A 103 -8.43 9.83 2.32
C ILE A 103 -7.43 8.72 2.68
N ARG A 104 -6.80 8.82 3.83
CA ARG A 104 -6.02 7.69 4.30
C ARG A 104 -6.29 7.53 5.75
N SER A 105 -6.19 6.32 6.25
CA SER A 105 -6.21 6.09 7.68
C SER A 105 -5.53 4.80 8.00
N ASN A 106 -4.84 4.71 9.11
CA ASN A 106 -4.30 3.40 9.49
C ASN A 106 -5.10 2.85 10.66
N GLU A 107 -6.35 3.36 10.81
CA GLU A 107 -7.21 2.99 11.90
C GLU A 107 -8.02 1.89 11.36
N ILE A 108 -7.35 0.79 11.08
CA ILE A 108 -7.98 -0.28 10.38
C ILE A 108 -8.03 -1.47 11.28
N TYR A 109 -9.23 -1.99 11.49
CA TYR A 109 -9.45 -3.14 12.36
C TYR A 109 -9.49 -4.30 11.43
N LYS A 110 -8.54 -5.22 11.63
CA LYS A 110 -8.20 -6.19 10.59
C LYS A 110 -8.97 -7.45 10.84
N GLY A 111 -8.97 -7.88 12.11
CA GLY A 111 -9.76 -9.04 12.56
C GLY A 111 -11.15 -9.13 11.94
N GLU A 112 -11.63 -10.34 11.75
CA GLU A 112 -12.97 -10.54 11.16
C GLU A 112 -13.97 -10.95 12.22
N THR A 113 -13.66 -10.69 13.49
CA THR A 113 -14.24 -11.48 14.60
C THR A 113 -15.76 -11.38 14.67
N ASN A 114 -16.32 -10.29 14.14
CA ASN A 114 -17.76 -10.06 14.17
C ASN A 114 -18.33 -10.33 15.59
N THR A 115 -17.77 -9.60 16.55
CA THR A 115 -18.26 -9.54 17.90
C THR A 115 -17.98 -8.16 18.51
N SER A 116 -18.96 -7.26 18.45
CA SER A 116 -18.86 -5.96 19.16
C SER A 116 -17.84 -5.98 20.31
N ILE A 117 -16.70 -5.30 20.12
CA ILE A 117 -15.70 -5.17 21.19
C ILE A 117 -15.80 -3.87 21.94
N SER A 118 -15.18 -3.84 23.10
CA SER A 118 -15.34 -2.73 23.97
C SER A 118 -14.50 -1.71 23.31
N ILE A 119 -14.93 -0.46 23.43
CA ILE A 119 -14.14 0.67 22.95
C ILE A 119 -12.71 0.70 23.51
N LYS A 120 -12.54 0.34 24.76
CA LYS A 120 -11.19 0.40 25.32
C LYS A 120 -10.27 -0.59 24.59
N GLU A 121 -10.77 -1.79 24.33
CA GLU A 121 -10.03 -2.77 23.55
C GLU A 121 -9.76 -2.29 22.12
N TYR A 122 -10.73 -1.64 21.52
CA TYR A 122 -10.58 -1.22 20.14
C TYR A 122 -9.35 -0.44 19.91
N TYR A 123 -9.10 0.53 20.76
CA TYR A 123 -7.90 1.34 20.67
C TYR A 123 -6.65 0.57 21.13
N ASN A 124 -6.79 -0.22 22.19
CA ASN A 124 -5.64 -0.97 22.66
C ASN A 124 -5.10 -1.89 21.54
N ASP A 125 -6.01 -2.52 20.80
CA ASP A 125 -5.67 -3.30 19.62
C ASP A 125 -4.89 -2.46 18.61
N LEU A 126 -5.38 -1.28 18.29
CA LEU A 126 -4.66 -0.43 17.35
C LEU A 126 -3.24 -0.06 17.83
N PHE A 127 -3.10 0.40 19.08
CA PHE A 127 -1.80 0.89 19.57
C PHE A 127 -0.87 -0.25 19.88
N LYS A 128 -1.33 -1.49 19.83
CA LYS A 128 -0.41 -2.60 20.06
C LYS A 128 0.39 -2.92 18.78
N ASN A 129 -0.21 -2.60 17.62
CA ASN A 129 0.33 -3.02 16.31
C ASN A 129 0.94 -1.86 15.53
N GLN A 130 0.81 -0.67 16.08
CA GLN A 130 1.35 0.53 15.47
C GLN A 130 1.50 1.63 16.49
N LYS A 131 2.54 2.45 16.33
CA LYS A 131 2.88 3.51 17.30
C LYS A 131 1.83 4.62 17.38
N SER A 132 1.13 4.92 16.29
CA SER A 132 0.21 6.05 16.28
C SER A 132 -0.83 5.90 15.23
N ILE A 133 -2.05 6.29 15.51
CA ILE A 133 -3.12 6.07 14.61
C ILE A 133 -3.35 7.42 13.93
N GLN A 134 -3.68 7.40 12.67
CA GLN A 134 -3.33 8.52 11.78
C GLN A 134 -4.26 8.61 10.57
N SER A 135 -4.71 9.82 10.24
CA SER A 135 -5.75 9.99 9.22
C SER A 135 -5.73 11.30 8.42
N ASN A 136 -5.85 11.22 7.10
CA ASN A 136 -5.74 12.35 6.22
C ASN A 136 -6.95 12.52 5.24
N LEU A 137 -7.49 13.73 5.22
CA LEU A 137 -8.46 14.09 4.19
C LEU A 137 -7.81 15.20 3.39
N VAL A 138 -7.62 14.99 2.09
CA VAL A 138 -6.96 16.01 1.25
C VAL A 138 -7.78 16.37 0.01
N PHE A 139 -7.95 17.66 -0.21
CA PHE A 139 -8.57 18.17 -1.40
C PHE A 139 -7.54 18.66 -2.43
N GLU A 140 -7.32 17.82 -3.43
CA GLU A 140 -6.41 18.06 -4.54
C GLU A 140 -7.06 18.97 -5.60
N ASP A 141 -6.34 20.05 -5.88
CA ASP A 141 -6.78 21.11 -6.78
C ASP A 141 -8.10 21.71 -6.30
N PHE A 142 -8.13 22.05 -5.02
CA PHE A 142 -9.28 22.73 -4.43
C PHE A 142 -9.44 24.12 -5.03
N LYS A 143 -10.59 24.40 -5.62
CA LYS A 143 -10.76 25.60 -6.44
C LYS A 143 -12.08 26.24 -6.08
N LEU A 144 -12.04 27.53 -5.73
CA LEU A 144 -13.27 28.27 -5.36
C LEU A 144 -14.15 28.51 -6.58
N GLY A 145 -15.40 28.84 -6.33
CA GLY A 145 -16.38 29.07 -7.41
C GLY A 145 -16.47 30.52 -7.84
N GLU A 146 -16.65 30.75 -9.14
CA GLU A 146 -16.53 32.10 -9.68
C GLU A 146 -17.38 33.13 -8.95
N LYS A 147 -18.47 32.68 -8.35
CA LYS A 147 -19.32 33.55 -7.54
C LYS A 147 -18.65 33.87 -6.20
N VAL A 148 -18.08 32.86 -5.55
CA VAL A 148 -17.45 33.14 -4.26
C VAL A 148 -16.28 34.09 -4.42
N VAL A 149 -15.63 34.06 -5.59
CA VAL A 149 -14.61 35.06 -5.88
C VAL A 149 -15.30 36.44 -6.07
N SER A 150 -16.32 36.50 -6.91
CA SER A 150 -17.07 37.76 -7.08
C SER A 150 -17.47 38.36 -5.73
N ASP A 151 -17.97 37.53 -4.81
CA ASP A 151 -18.29 37.97 -3.45
C ASP A 151 -17.10 38.56 -2.75
N ILE A 152 -15.93 38.02 -3.01
CA ILE A 152 -14.71 38.38 -2.28
C ILE A 152 -14.01 39.59 -2.92
N ASN A 153 -14.32 39.84 -4.20
CA ASN A 153 -13.81 41.01 -4.92
C ASN A 153 -14.70 42.24 -4.69
N ALA A 154 -16.02 42.00 -4.67
CA ALA A 154 -16.97 43.01 -4.28
C ALA A 154 -16.82 43.28 -2.77
N SER A 155 -16.28 42.30 -2.02
CA SER A 155 -16.03 42.46 -0.59
C SER A 155 -14.92 43.49 -0.35
N LEU A 156 -13.66 43.16 -0.64
CA LEU A 156 -12.63 44.21 -0.54
C LEU A 156 -12.40 44.93 -1.88
N PHE A 157 -12.84 46.18 -1.97
CA PHE A 157 -12.58 46.98 -3.17
C PHE A 157 -11.83 48.25 -2.80
N GLN A 158 -10.51 48.17 -2.91
CA GLN A 158 -9.62 49.28 -2.59
C GLN A 158 -9.51 50.31 -3.73
N GLN A 159 -10.05 49.98 -4.90
CA GLN A 159 -9.90 50.81 -6.11
C GLN A 159 -8.44 50.97 -6.54
N ASP A 160 -7.63 49.99 -6.16
CA ASP A 160 -6.21 49.97 -6.45
C ASP A 160 -6.00 48.74 -7.34
N PRO A 161 -6.18 48.92 -8.66
CA PRO A 161 -6.21 47.83 -9.64
C PRO A 161 -5.30 46.65 -9.33
N LYS A 162 -4.04 46.93 -9.00
CA LYS A 162 -3.07 45.86 -8.71
C LYS A 162 -3.54 44.92 -7.59
N ILE A 163 -3.98 45.48 -6.47
CA ILE A 163 -4.53 44.69 -5.37
C ILE A 163 -5.77 43.92 -5.76
N SER A 164 -6.67 44.57 -6.48
CA SER A 164 -7.87 43.89 -6.97
C SER A 164 -7.45 42.74 -7.91
N SER A 165 -6.47 42.98 -8.77
CA SER A 165 -5.97 41.92 -9.64
C SER A 165 -5.24 40.83 -8.85
N PHE A 166 -4.52 41.24 -7.82
CA PHE A 166 -3.79 40.31 -6.99
C PHE A 166 -4.73 39.44 -6.21
N ILE A 167 -5.68 40.10 -5.58
CA ILE A 167 -6.73 39.43 -4.83
C ILE A 167 -7.55 38.50 -5.72
N ASN A 168 -7.95 38.93 -6.93
CA ASN A 168 -8.74 38.04 -7.80
C ASN A 168 -7.97 36.83 -8.30
N LYS A 169 -6.73 37.08 -8.69
CA LYS A 169 -5.75 36.04 -9.07
C LYS A 169 -5.61 35.00 -7.97
N LEU A 170 -5.36 35.48 -6.75
CA LEU A 170 -5.21 34.63 -5.57
C LEU A 170 -6.51 33.86 -5.26
N SER A 171 -7.64 34.54 -5.28
CA SER A 171 -8.90 33.87 -5.00
C SER A 171 -9.38 32.92 -6.09
N SER A 172 -8.81 33.06 -7.27
CA SER A 172 -9.16 32.16 -8.34
C SER A 172 -8.21 30.96 -8.36
N ASP A 173 -7.04 31.14 -7.77
CA ASP A 173 -5.97 30.15 -7.97
C ASP A 173 -6.36 28.90 -7.25
N SER A 174 -5.80 27.77 -7.62
CA SER A 174 -6.30 26.56 -7.06
C SER A 174 -5.29 26.02 -6.04
N TYR A 175 -5.75 25.32 -5.04
CA TYR A 175 -4.92 25.01 -3.91
C TYR A 175 -5.00 23.52 -3.47
N THR A 176 -4.10 23.15 -2.57
CA THR A 176 -4.16 21.88 -1.89
C THR A 176 -4.59 22.08 -0.42
N LEU A 177 -5.77 21.55 -0.06
CA LEU A 177 -6.34 21.71 1.30
C LEU A 177 -6.11 20.41 2.05
N SER A 178 -5.70 20.47 3.29
CA SER A 178 -5.51 19.20 3.97
C SER A 178 -5.89 19.18 5.43
N PHE A 179 -6.57 18.13 5.86
CA PHE A 179 -6.79 17.89 7.27
C PHE A 179 -6.14 16.59 7.66
N ASP A 180 -5.30 16.67 8.69
CA ASP A 180 -4.55 15.53 9.22
C ASP A 180 -4.66 15.45 10.74
N ASN A 181 -5.01 14.28 11.26
CA ASN A 181 -5.07 14.06 12.73
C ASN A 181 -4.15 12.92 13.05
N SER A 182 -3.54 12.95 14.21
CA SER A 182 -2.70 11.85 14.71
C SER A 182 -2.84 11.78 16.24
N ILE A 183 -2.70 10.57 16.78
CA ILE A 183 -3.00 10.26 18.16
C ILE A 183 -1.94 9.32 18.54
N ASN A 184 -1.21 9.58 19.62
CA ASN A 184 -0.10 8.72 20.04
C ASN A 184 -0.29 8.26 21.47
N LYS A 185 0.09 7.03 21.82
CA LYS A 185 -0.06 6.64 23.21
C LYS A 185 1.19 6.98 24.06
N GLN A 186 1.05 7.92 24.98
CA GLN A 186 2.15 8.24 25.85
C GLN A 186 1.71 8.00 27.27
N GLU A 187 2.50 7.26 28.04
CA GLU A 187 2.15 6.93 29.42
C GLU A 187 0.69 6.51 29.50
N ASN A 188 0.01 6.94 30.58
CA ASN A 188 -1.45 6.86 30.65
C ASN A 188 -2.18 8.02 29.89
N ASN A 189 -1.46 8.62 28.97
CA ASN A 189 -2.00 9.73 28.23
C ASN A 189 -1.98 9.51 26.75
N TYR A 190 -2.84 10.24 26.06
CA TYR A 190 -2.92 10.18 24.64
C TYR A 190 -2.66 11.58 24.10
N LEU A 191 -1.89 11.69 23.03
CA LEU A 191 -1.38 12.95 22.53
C LEU A 191 -1.89 13.07 21.13
N ASP A 192 -2.92 13.89 20.97
CA ASP A 192 -3.60 14.06 19.68
C ASP A 192 -3.06 15.34 19.03
N ASN A 193 -2.90 15.31 17.70
CA ASN A 193 -2.34 16.43 16.97
C ASN A 193 -3.09 16.69 15.68
N LEU A 194 -3.96 17.68 15.73
CA LEU A 194 -4.74 18.09 14.59
C LEU A 194 -3.99 19.17 13.82
N ASP A 195 -4.15 19.16 12.49
CA ASP A 195 -3.38 19.99 11.57
C ASP A 195 -4.15 20.30 10.28
N ILE A 196 -4.42 21.58 10.04
CA ILE A 196 -4.99 21.97 8.77
C ILE A 196 -4.00 22.78 7.97
N LYS A 197 -3.91 22.46 6.68
CA LYS A 197 -3.07 23.16 5.72
C LYS A 197 -3.82 23.54 4.48
N PHE A 198 -3.58 24.76 4.03
CA PHE A 198 -4.11 25.31 2.79
C PHE A 198 -2.90 25.89 2.01
N TYR A 199 -2.56 25.39 0.83
CA TYR A 199 -1.29 25.82 0.20
C TYR A 199 -1.21 25.78 -1.31
N ASN A 200 -0.13 26.37 -1.81
CA ASN A 200 -0.07 26.92 -3.14
C ASN A 200 1.33 27.41 -3.41
N ALA A 201 1.63 27.71 -4.67
CA ALA A 201 2.90 28.35 -4.97
C ALA A 201 3.00 29.73 -4.30
N LYS A 202 1.87 30.44 -4.22
CA LYS A 202 1.81 31.83 -3.71
C LYS A 202 1.54 31.96 -2.22
N LEU A 203 0.82 31.02 -1.63
CA LEU A 203 0.62 31.09 -0.19
C LEU A 203 0.60 29.76 0.46
N ASN A 204 0.81 29.79 1.77
CA ASN A 204 0.90 28.59 2.54
C ASN A 204 0.34 28.88 3.93
N PHE A 205 -0.84 28.34 4.24
CA PHE A 205 -1.47 28.59 5.54
C PHE A 205 -1.60 27.27 6.19
N ASN A 206 -1.06 27.17 7.39
CA ASN A 206 -1.04 25.95 8.11
C ASN A 206 -1.26 26.25 9.57
N THR A 207 -2.23 25.55 10.19
CA THR A 207 -2.61 25.68 11.62
C THR A 207 -2.62 24.33 12.33
N ASN A 208 -2.16 24.29 13.58
CA ASN A 208 -1.87 23.03 14.32
C ASN A 208 -2.41 23.12 15.73
N LEU A 209 -3.31 22.23 16.12
CA LEU A 209 -3.81 22.17 17.53
C LEU A 209 -3.31 20.90 18.18
N ASN A 210 -2.91 20.98 19.44
CA ASN A 210 -2.30 19.86 20.13
C ASN A 210 -3.05 19.66 21.45
N ILE A 211 -4.06 18.80 21.42
CA ILE A 211 -4.79 18.32 22.60
C ILE A 211 -4.01 17.34 23.44
N ASN A 212 -4.37 17.25 24.72
CA ASN A 212 -3.95 16.10 25.53
C ASN A 212 -5.12 15.46 26.24
N LEU A 213 -5.13 14.13 26.28
CA LEU A 213 -6.37 13.38 26.58
C LEU A 213 -5.96 12.35 27.51
N LYS A 214 -6.72 12.20 28.58
CA LYS A 214 -6.31 11.36 29.71
C LYS A 214 -6.88 9.97 29.48
N GLU A 215 -6.11 8.93 29.75
CA GLU A 215 -6.65 7.58 29.54
C GLU A 215 -8.05 7.38 30.13
N ASP A 216 -8.37 8.11 31.20
CA ASP A 216 -9.69 8.01 31.77
C ASP A 216 -10.78 8.33 30.74
N LEU A 217 -10.61 9.29 29.86
CA LEU A 217 -11.68 9.55 28.87
C LEU A 217 -12.12 8.25 28.20
N LEU A 218 -11.17 7.36 28.00
CA LEU A 218 -11.47 6.10 27.30
C LEU A 218 -12.32 5.22 28.21
N ASN A 219 -11.87 5.10 29.47
CA ASN A 219 -12.59 4.37 30.48
C ASN A 219 -14.00 4.91 30.64
N TYR A 220 -14.12 6.23 30.76
CA TYR A 220 -15.44 6.83 30.84
C TYR A 220 -16.35 6.49 29.68
N LEU A 221 -15.84 6.50 28.45
CA LEU A 221 -16.72 6.19 27.29
C LEU A 221 -17.22 4.77 27.37
N ASP A 222 -16.32 3.87 27.72
CA ASP A 222 -16.67 2.47 27.87
C ASP A 222 -17.76 2.32 28.91
N SER A 223 -17.63 3.09 30.02
CA SER A 223 -18.68 3.18 31.03
C SER A 223 -20.10 3.34 30.44
N LYS A 224 -20.28 4.10 29.37
CA LYS A 224 -21.61 4.22 28.77
C LYS A 224 -21.91 3.07 27.80
N GLY A 225 -21.13 2.00 27.90
CA GLY A 225 -21.39 0.79 27.14
C GLY A 225 -21.14 1.01 25.67
N ILE A 226 -20.20 1.88 25.34
CA ILE A 226 -19.87 2.10 23.93
C ILE A 226 -18.92 1.01 23.44
N LYS A 227 -19.31 0.46 22.29
CA LYS A 227 -18.70 -0.72 21.75
C LYS A 227 -18.52 -0.48 20.25
N PHE A 228 -17.42 -1.00 19.71
CA PHE A 228 -17.13 -0.90 18.29
C PHE A 228 -17.69 -2.11 17.59
N ASN A 229 -18.54 -1.92 16.60
CA ASN A 229 -19.13 -3.05 15.92
C ASN A 229 -18.27 -3.43 14.74
N THR A 230 -17.58 -4.54 14.86
CA THR A 230 -16.65 -5.02 13.88
C THR A 230 -17.35 -5.33 12.57
N GLN A 231 -18.67 -5.53 12.60
CA GLN A 231 -19.43 -5.73 11.36
C GLN A 231 -19.56 -4.45 10.53
N THR A 232 -20.01 -3.37 11.14
CA THR A 232 -20.31 -2.15 10.39
C THR A 232 -19.24 -1.13 10.55
N LEU A 233 -18.35 -1.34 11.54
CA LEU A 233 -17.19 -0.47 11.79
C LEU A 233 -17.54 0.84 12.46
N ALA A 234 -18.72 0.96 13.05
CA ALA A 234 -19.01 2.18 13.81
C ALA A 234 -19.11 1.89 15.29
N MET A 235 -18.83 2.88 16.12
CA MET A 235 -19.10 2.74 17.55
C MET A 235 -20.57 2.61 17.69
N ASP A 236 -21.02 1.78 18.63
CA ASP A 236 -22.45 1.53 18.86
C ASP A 236 -22.73 1.66 20.31
N GLU A 237 -23.96 2.07 20.62
CA GLU A 237 -24.40 2.26 21.99
C GLU A 237 -25.67 1.44 22.19
N GLN A 238 -25.93 1.05 23.43
CA GLN A 238 -27.13 0.33 23.75
C GLN A 238 -28.35 1.25 23.60
N ALA A 239 -29.37 0.83 22.86
CA ALA A 239 -30.56 1.64 22.61
C ALA A 239 -31.28 2.03 23.89
N ILE A 240 -31.24 1.15 24.88
CA ILE A 240 -31.88 1.44 26.16
C ILE A 240 -31.29 2.70 26.79
N ASN A 241 -29.97 2.89 26.72
CA ASN A 241 -29.34 4.11 27.26
C ASN A 241 -30.15 5.39 27.00
N GLU A 242 -30.74 5.48 25.81
CA GLU A 242 -31.71 6.52 25.50
C GLU A 242 -32.77 6.70 26.62
N LEU A 243 -33.58 5.68 26.89
CA LEU A 243 -34.53 5.72 28.02
C LEU A 243 -33.87 6.04 29.38
N LEU A 244 -32.61 5.64 29.56
CA LEU A 244 -31.89 5.90 30.81
C LEU A 244 -31.32 7.33 30.90
N ASN A 245 -31.17 8.01 29.77
CA ASN A 245 -30.79 9.41 29.80
C ASN A 245 -32.01 10.32 29.94
N SER A 253 -29.18 14.54 33.05
CA SER A 253 -29.04 15.86 32.43
C SER A 253 -27.97 15.86 31.30
N ASP A 254 -26.80 16.47 31.50
CA ASP A 254 -25.80 16.64 30.40
C ASP A 254 -24.33 16.56 30.85
N PHE A 255 -23.66 15.44 30.59
CA PHE A 255 -22.26 15.27 31.00
C PHE A 255 -21.28 15.29 29.82
N SER A 256 -21.64 15.95 28.74
CA SER A 256 -20.64 16.37 27.76
C SER A 256 -19.64 17.32 28.43
N ASN A 257 -20.09 18.04 29.46
CA ASN A 257 -19.19 18.85 30.28
C ASN A 257 -18.11 17.98 30.92
N THR A 258 -18.50 16.81 31.42
CA THR A 258 -17.55 15.94 32.13
C THR A 258 -16.47 15.37 31.19
N ILE A 259 -16.74 15.26 29.89
CA ILE A 259 -15.67 14.89 28.96
C ILE A 259 -14.60 15.96 29.05
N GLN A 260 -15.03 17.21 29.28
CA GLN A 260 -14.12 18.34 29.31
C GLN A 260 -13.05 18.19 30.35
N LYS A 261 -13.35 17.48 31.44
CA LYS A 261 -12.38 17.21 32.50
C LYS A 261 -11.14 16.47 32.02
N TYR A 262 -11.27 15.67 30.95
CA TYR A 262 -10.17 14.86 30.47
C TYR A 262 -9.65 15.34 29.10
N ILE A 263 -10.00 16.55 28.66
CA ILE A 263 -9.38 17.14 27.46
C ILE A 263 -8.48 18.32 27.82
N ILE A 264 -7.17 18.19 27.64
CA ILE A 264 -6.22 19.27 27.90
C ILE A 264 -5.57 19.84 26.65
N LEU A 265 -5.71 21.15 26.43
CA LEU A 265 -5.09 21.82 25.31
C LEU A 265 -3.66 22.17 25.64
N ASN A 266 -2.78 21.99 24.67
CA ASN A 266 -1.38 22.31 24.81
C ASN A 266 -0.96 23.54 24.01
N ASN A 267 -1.05 23.48 22.69
CA ASN A 267 -0.55 24.51 21.81
C ASN A 267 -1.44 24.70 20.58
N PHE A 268 -1.78 25.94 20.25
CA PHE A 268 -2.41 26.28 19.00
C PHE A 268 -1.42 27.11 18.20
N LYS A 269 -1.39 26.95 16.88
CA LYS A 269 -0.33 27.55 16.07
C LYS A 269 -0.80 27.87 14.67
N ILE A 270 -0.38 29.01 14.16
CA ILE A 270 -0.59 29.39 12.79
C ILE A 270 0.78 29.74 12.25
N ASP A 271 1.25 29.05 11.22
CA ASP A 271 2.52 29.44 10.60
C ASP A 271 2.27 29.57 9.13
N SER A 272 2.35 30.77 8.58
CA SER A 272 1.95 30.95 7.18
C SER A 272 2.81 31.94 6.48
N THR A 273 2.79 31.87 5.14
CA THR A 273 3.47 32.85 4.28
C THR A 273 2.70 33.20 2.98
N LEU A 274 2.90 34.41 2.51
CA LEU A 274 2.29 34.95 1.27
C LEU A 274 3.37 35.69 0.43
N LYS A 275 3.48 35.34 -0.86
CA LYS A 275 4.26 36.09 -1.85
C LYS A 275 3.40 37.21 -2.42
N THR A 276 3.50 38.37 -1.80
CA THR A 276 2.59 39.46 -2.03
C THR A 276 2.73 40.19 -3.37
N GLU A 277 3.83 39.93 -4.08
CA GLU A 277 4.23 40.66 -5.30
C GLU A 277 4.30 42.17 -5.05
N GLY A 278 4.63 42.51 -3.79
CA GLY A 278 4.82 43.88 -3.34
C GLY A 278 3.61 44.78 -3.47
N VAL A 279 2.42 44.29 -3.15
CA VAL A 279 1.21 45.10 -3.43
C VAL A 279 0.67 45.82 -2.20
N PHE A 280 0.78 45.21 -1.03
CA PHE A 280 0.32 45.82 0.21
C PHE A 280 1.27 46.94 0.68
N SER A 281 2.54 46.88 0.27
CA SER A 281 3.55 47.89 0.66
C SER A 281 3.02 49.29 1.06
N SER A 282 1.90 49.70 0.48
CA SER A 282 1.31 51.00 0.82
C SER A 282 0.52 50.99 2.13
N TYR A 283 -0.35 50.01 2.35
CA TYR A 283 -1.06 49.91 3.64
C TYR A 283 -0.08 49.73 4.79
N ILE A 284 0.91 48.86 4.64
CA ILE A 284 1.82 48.62 5.76
C ILE A 284 2.48 49.92 6.13
N ALA A 285 2.72 50.76 5.11
CA ALA A 285 3.24 52.09 5.34
C ALA A 285 2.31 52.92 6.25
N THR A 286 1.07 53.14 5.84
CA THR A 286 0.18 53.97 6.65
C THR A 286 -0.28 53.26 7.93
N ALA A 287 -0.36 51.94 7.88
CA ALA A 287 -0.67 51.17 9.07
C ALA A 287 0.38 51.51 10.09
N LYS A 288 1.63 51.44 9.69
CA LYS A 288 2.72 51.76 10.59
C LYS A 288 2.53 53.15 11.19
N GLU A 289 2.20 54.11 10.35
CA GLU A 289 2.04 55.47 10.84
C GLU A 289 1.01 55.52 11.97
N ASN A 290 -0.09 54.79 11.81
CA ASN A 290 -1.17 54.82 12.79
C ASN A 290 -0.73 54.27 14.13
N LEU A 291 0.00 53.17 14.12
CA LEU A 291 0.56 52.61 15.35
C LEU A 291 1.42 53.64 16.07
N GLN A 292 2.27 54.33 15.30
CA GLN A 292 3.14 55.39 15.84
C GLN A 292 2.34 56.58 16.31
N THR A 293 1.25 56.90 15.61
CA THR A 293 0.39 58.00 16.02
C THR A 293 -0.39 57.59 17.27
N LEU A 294 -0.93 56.39 17.28
CA LEU A 294 -1.63 55.88 18.47
C LEU A 294 -0.67 55.57 19.63
N LYS A 295 0.62 55.40 19.33
CA LYS A 295 1.62 55.16 20.39
C LYS A 295 1.76 56.40 21.30
N ALA A 296 1.63 57.59 20.73
CA ALA A 296 1.67 58.84 21.51
C ALA A 296 0.33 59.04 22.22
N GLN A 297 -0.75 58.79 21.49
CA GLN A 297 -2.11 58.81 22.05
C GLN A 297 -2.22 57.85 23.23
N SER A 298 -1.33 56.85 23.29
CA SER A 298 -1.28 55.96 24.44
C SER A 298 -1.33 56.79 25.69
N GLN A 299 -2.30 56.50 26.54
CA GLN A 299 -2.41 57.11 27.84
C GLN A 299 -1.31 56.53 28.72
N ASN A 300 -1.37 55.22 28.94
CA ASN A 300 -0.55 54.52 29.91
C ASN A 300 0.47 53.57 29.28
N GLU A 301 1.62 53.41 29.93
CA GLU A 301 2.73 52.55 29.43
C GLU A 301 2.30 51.15 28.98
N GLU A 302 1.42 50.53 29.76
CA GLU A 302 0.87 49.23 29.38
C GLU A 302 0.43 49.37 27.95
N GLN A 303 -0.28 50.44 27.66
CA GLN A 303 -0.83 50.66 26.34
C GLN A 303 0.26 50.90 25.30
N ALA A 304 1.32 51.62 25.69
CA ALA A 304 2.46 51.85 24.79
C ALA A 304 3.04 50.54 24.30
N LEU A 305 3.36 49.65 25.25
CA LEU A 305 4.04 48.42 24.90
C LEU A 305 3.23 47.60 23.92
N ILE A 306 1.91 47.60 24.10
CA ILE A 306 0.99 46.91 23.19
C ILE A 306 1.42 47.22 21.78
N PHE A 307 1.62 48.51 21.52
CA PHE A 307 1.77 48.96 20.16
C PHE A 307 3.21 48.69 19.73
N ASP A 308 4.18 49.09 20.57
CA ASP A 308 5.59 48.69 20.37
C ASP A 308 5.60 47.25 19.92
N LYS A 309 4.76 46.43 20.52
CA LYS A 309 4.70 45.03 20.17
C LYS A 309 4.05 44.89 18.82
N ALA A 310 2.82 45.39 18.68
CA ALA A 310 2.12 45.36 17.39
C ALA A 310 3.10 45.72 16.25
N LEU A 311 3.86 46.81 16.45
CA LEU A 311 4.88 47.24 15.49
C LEU A 311 5.90 46.14 15.29
N ALA A 312 6.59 45.78 16.36
CA ALA A 312 7.63 44.77 16.30
C ALA A 312 7.15 43.69 15.39
N ILE A 313 6.04 43.12 15.78
CA ILE A 313 5.45 42.02 15.04
C ILE A 313 5.24 42.33 13.55
N LEU A 314 4.82 43.56 13.25
CA LEU A 314 4.47 43.94 11.86
C LEU A 314 5.67 44.02 10.90
N ASN A 315 6.67 44.81 11.27
CA ASN A 315 7.92 44.86 10.49
C ASN A 315 8.37 43.43 10.20
N ASN A 316 8.49 42.68 11.28
CA ASN A 316 8.93 41.33 11.20
C ASN A 316 8.13 40.59 10.18
N ILE A 317 6.80 40.65 10.26
CA ILE A 317 5.96 39.93 9.32
C ILE A 317 6.25 40.36 7.90
N THR A 318 6.32 41.67 7.70
CA THR A 318 6.31 42.22 6.36
C THR A 318 7.69 42.73 5.95
N GLN A 319 8.74 42.07 6.43
CA GLN A 319 10.10 42.45 6.08
C GLN A 319 10.42 42.36 4.61
N ASN A 320 9.54 41.73 3.84
CA ASN A 320 9.72 41.58 2.41
C ASN A 320 8.42 41.08 1.80
N ASP A 321 8.36 41.16 0.46
CA ASP A 321 7.15 40.77 -0.29
C ASP A 321 6.59 39.42 0.15
N ASP A 322 7.48 38.55 0.62
CA ASP A 322 7.09 37.31 1.29
C ASP A 322 6.70 37.53 2.77
N TYR A 323 5.42 37.76 3.00
CA TYR A 323 4.95 38.14 4.33
C TYR A 323 4.93 36.85 5.07
N LYS A 324 5.42 36.82 6.32
CA LYS A 324 5.47 35.58 7.09
C LYS A 324 4.87 35.80 8.47
N LEU A 325 3.95 34.92 8.87
CA LEU A 325 3.31 34.94 10.19
C LEU A 325 3.55 33.62 10.87
N ASN A 326 4.14 33.68 12.08
CA ASN A 326 4.43 32.49 12.90
C ASN A 326 3.91 32.66 14.31
N LEU A 327 2.69 32.19 14.53
CA LEU A 327 2.02 32.30 15.81
C LEU A 327 2.12 30.99 16.52
N ASP A 328 2.09 31.05 17.84
CA ASP A 328 2.18 29.87 18.67
C ASP A 328 1.65 30.20 20.06
N LEU A 329 0.44 29.74 20.34
CA LEU A 329 -0.18 29.88 21.67
C LEU A 329 0.19 28.69 22.56
N LYS A 330 0.41 28.92 23.86
CA LYS A 330 0.58 27.81 24.84
C LYS A 330 -0.33 27.94 26.04
N PHE A 331 -1.12 26.92 26.34
CA PHE A 331 -1.94 26.92 27.55
C PHE A 331 -1.20 26.05 28.56
N LYS A 332 -1.23 26.42 29.84
CA LYS A 332 -0.69 25.56 30.89
C LYS A 332 -1.57 24.33 30.97
N ASN A 333 -1.01 23.18 31.33
CA ASN A 333 -1.81 21.94 31.35
C ASN A 333 -2.79 21.88 32.50
N ILE A 334 -4.02 22.20 32.14
CA ILE A 334 -5.16 22.06 32.99
C ILE A 334 -6.32 21.67 32.07
N PRO A 335 -7.29 20.93 32.60
CA PRO A 335 -8.50 20.58 31.84
C PRO A 335 -9.11 21.78 31.14
N VAL A 336 -9.98 21.50 30.19
CA VAL A 336 -10.72 22.56 29.54
C VAL A 336 -11.99 22.89 30.32
N SER A 337 -12.28 22.11 31.35
CA SER A 337 -13.45 22.34 32.19
C SER A 337 -13.22 23.49 33.20
N ASP A 338 -11.95 23.68 33.54
CA ASP A 338 -11.53 24.71 34.50
C ASP A 338 -11.27 26.04 33.84
N TYR A 339 -11.59 26.16 32.55
CA TYR A 339 -11.28 27.38 31.79
C TYR A 339 -12.09 28.58 32.24
N SER A 340 -13.31 28.34 32.71
CA SER A 340 -14.10 29.40 33.31
C SER A 340 -13.50 29.87 34.64
N THR A 341 -13.01 28.94 35.46
CA THR A 341 -12.51 29.27 36.79
C THR A 341 -11.09 29.89 36.77
N GLN A 342 -10.14 29.29 36.06
CA GLN A 342 -8.75 29.82 36.00
C GLN A 342 -8.59 31.09 35.11
N GLY A 343 -9.43 31.20 34.08
CA GLY A 343 -9.53 32.43 33.30
C GLY A 343 -8.51 32.57 32.19
N ILE A 344 -8.29 33.81 31.77
CA ILE A 344 -7.21 34.16 30.85
C ILE A 344 -5.85 33.57 31.23
N ASP A 345 -5.68 33.23 32.51
CA ASP A 345 -4.48 32.54 33.01
C ASP A 345 -4.53 31.03 32.73
N SER A 346 -5.53 30.62 31.97
CA SER A 346 -5.54 29.34 31.27
C SER A 346 -4.41 29.26 30.25
N ILE A 347 -4.13 30.42 29.65
CA ILE A 347 -3.05 30.58 28.70
C ILE A 347 -1.76 30.67 29.52
N GLU A 348 -0.62 30.43 28.88
CA GLU A 348 0.68 30.46 29.55
C GLU A 348 1.66 31.33 28.79
N LYS A 349 1.54 31.41 27.47
CA LYS A 349 2.53 32.06 26.63
C LYS A 349 2.04 32.19 25.19
N LEU A 350 2.37 33.34 24.59
CA LEU A 350 2.05 33.62 23.20
C LEU A 350 3.35 34.09 22.55
N SER A 351 3.47 33.91 21.25
CA SER A 351 4.65 34.28 20.51
C SER A 351 4.28 34.46 19.04
N ILE A 352 4.55 35.64 18.49
CA ILE A 352 4.35 35.86 17.07
C ILE A 352 5.64 36.29 16.37
N ASN A 353 6.11 35.48 15.46
CA ASN A 353 7.33 35.79 14.73
C ASN A 353 8.49 36.09 15.69
N ASN A 354 8.79 35.12 16.55
CA ASN A 354 9.89 35.23 17.48
C ASN A 354 9.78 36.51 18.32
N GLN A 355 8.55 36.96 18.51
CA GLN A 355 8.28 38.02 19.45
C GLN A 355 7.39 37.39 20.50
N ASP A 356 7.50 37.86 21.74
CA ASP A 356 6.69 37.35 22.83
C ASP A 356 5.58 38.35 23.10
N ALA A 357 4.33 37.95 22.85
CA ALA A 357 3.15 38.82 23.06
C ALA A 357 2.19 38.31 24.13
N THR A 358 2.72 37.54 25.10
CA THR A 358 1.93 37.00 26.18
C THR A 358 1.25 38.10 26.98
N GLU A 359 2.05 39.03 27.51
CA GLU A 359 1.55 40.04 28.45
C GLU A 359 0.59 40.99 27.75
N ALA A 360 0.84 41.22 26.47
CA ALA A 360 0.07 42.14 25.65
C ALA A 360 -1.32 41.59 25.31
N LEU A 361 -1.40 40.30 24.95
CA LEU A 361 -2.70 39.64 24.85
C LEU A 361 -3.42 39.80 26.20
N LYS A 362 -2.79 39.26 27.24
CA LYS A 362 -3.25 39.41 28.61
C LYS A 362 -3.82 40.80 28.90
N ILE A 363 -3.28 41.83 28.29
CA ILE A 363 -3.87 43.17 28.42
C ILE A 363 -5.12 43.32 27.55
N ILE A 364 -5.00 42.94 26.28
CA ILE A 364 -6.01 43.25 25.28
C ILE A 364 -7.19 42.31 25.43
N LEU A 365 -6.91 41.06 25.75
CA LEU A 365 -7.94 40.03 25.74
C LEU A 365 -9.08 40.29 26.73
N PRO A 366 -8.76 40.69 27.96
CA PRO A 366 -9.80 40.97 28.97
C PRO A 366 -10.68 42.17 28.62
N PHE A 367 -10.05 43.21 28.08
CA PHE A 367 -10.79 44.33 27.52
C PHE A 367 -11.68 43.86 26.38
N ILE A 368 -11.08 43.19 25.38
CA ILE A 368 -11.87 42.60 24.30
C ILE A 368 -12.97 41.77 24.91
N MET A 369 -12.58 40.81 25.75
CA MET A 369 -13.52 39.90 26.43
C MET A 369 -14.60 40.64 27.20
N PHE A 370 -14.24 41.72 27.88
CA PHE A 370 -15.19 42.52 28.66
C PHE A 370 -16.04 43.42 27.75
N SER A 371 -15.40 44.06 26.78
CA SER A 371 -16.08 44.95 25.82
C SER A 371 -17.08 44.16 24.98
N MET A 372 -16.57 43.07 24.42
CA MET A 372 -17.26 42.20 23.47
C MET A 372 -18.46 41.48 24.09
N LEU A 373 -18.34 41.12 25.38
CA LEU A 373 -19.44 40.44 26.09
C LEU A 373 -20.62 41.37 26.44
N MET A 374 -20.44 42.68 26.29
CA MET A 374 -21.53 43.64 26.47
C MET A 374 -21.69 44.50 25.20
N MET B 24 5.34 1.36 11.09
CA MET B 24 4.53 2.27 10.24
C MET B 24 4.61 1.99 8.72
N CYS B 25 3.56 1.36 8.21
CA CYS B 25 3.56 0.81 6.89
C CYS B 25 2.76 1.67 5.96
N GLY B 26 3.45 2.37 5.08
CA GLY B 26 2.77 3.17 4.12
C GLY B 26 3.50 4.44 3.85
N ASN B 27 2.99 5.17 2.88
CA ASN B 27 3.61 6.45 2.51
C ASN B 27 5.14 6.27 2.49
N SER B 28 5.62 5.48 1.54
CA SER B 28 7.06 5.40 1.20
C SER B 28 7.28 5.53 -0.31
N ILE B 29 6.23 5.60 -1.11
CA ILE B 29 6.43 5.61 -2.55
C ILE B 29 5.53 6.65 -3.24
N ASP B 30 6.16 7.57 -3.96
CA ASP B 30 5.41 8.67 -4.59
C ASP B 30 4.53 8.13 -5.65
N GLU B 31 3.31 8.55 -5.69
CA GLU B 31 2.51 8.24 -6.88
C GLU B 31 3.37 8.43 -8.12
N LYS B 32 4.19 9.48 -8.13
CA LYS B 32 5.18 9.65 -9.19
C LYS B 32 6.04 8.40 -9.50
N THR B 33 6.73 7.88 -8.47
CA THR B 33 7.54 6.65 -8.54
C THR B 33 6.69 5.45 -8.90
N VAL B 34 5.51 5.33 -8.32
CA VAL B 34 4.64 4.23 -8.71
C VAL B 34 4.33 4.38 -10.18
N LYS B 35 3.96 5.59 -10.57
CA LYS B 35 3.52 5.81 -11.94
C LYS B 35 4.65 5.46 -12.90
N LYS B 36 5.89 5.69 -12.48
CA LYS B 36 7.04 5.42 -13.34
C LYS B 36 7.14 3.93 -13.63
N TYR B 37 6.95 3.11 -12.63
CA TYR B 37 7.15 1.66 -12.74
C TYR B 37 6.01 1.04 -13.49
N GLU B 38 4.83 1.56 -13.23
CA GLU B 38 3.66 1.13 -13.99
C GLU B 38 3.98 1.26 -15.50
N ASN B 39 4.57 2.39 -15.86
CA ASN B 39 4.99 2.64 -17.23
C ASN B 39 6.18 1.82 -17.72
N GLN B 40 7.11 1.54 -16.82
CA GLN B 40 8.16 0.59 -17.16
C GLN B 40 7.49 -0.76 -17.41
N LEU B 41 6.79 -1.25 -16.39
CA LEU B 41 6.18 -2.57 -16.45
C LEU B 41 5.33 -2.78 -17.69
N ASN B 42 4.42 -1.84 -17.99
CA ASN B 42 3.58 -1.93 -19.18
C ASN B 42 4.41 -1.96 -20.44
N GLN B 43 5.22 -0.93 -20.65
CA GLN B 43 6.06 -0.87 -21.84
C GLN B 43 6.96 -2.12 -22.03
N THR B 44 7.57 -2.66 -20.97
CA THR B 44 8.38 -3.89 -21.13
C THR B 44 7.56 -5.05 -21.64
N VAL B 45 6.38 -5.24 -21.06
CA VAL B 45 5.56 -6.39 -21.45
C VAL B 45 5.18 -6.27 -22.89
N LYS B 46 4.75 -5.10 -23.30
CA LYS B 46 4.44 -4.88 -24.69
C LYS B 46 5.55 -5.44 -25.60
N GLN B 47 6.80 -5.15 -25.26
CA GLN B 47 7.93 -5.54 -26.10
C GLN B 47 8.16 -7.04 -26.09
N GLU B 48 7.91 -7.69 -24.97
CA GLU B 48 8.01 -9.15 -24.92
C GLU B 48 6.91 -9.79 -25.75
N ILE B 49 5.73 -9.17 -25.72
CA ILE B 49 4.57 -9.61 -26.48
C ILE B 49 4.65 -9.32 -27.99
N ALA B 50 5.08 -8.11 -28.33
CA ALA B 50 5.29 -7.75 -29.72
C ALA B 50 6.34 -8.72 -30.27
N SER B 51 7.41 -8.91 -29.49
CA SER B 51 8.45 -9.89 -29.81
C SER B 51 7.88 -11.27 -30.11
N LEU B 52 7.19 -11.84 -29.12
CA LEU B 52 6.68 -13.19 -29.21
C LEU B 52 5.75 -13.35 -30.38
N SER B 53 4.83 -12.41 -30.56
CA SER B 53 3.86 -12.55 -31.65
C SER B 53 4.55 -12.78 -32.97
N GLN B 54 5.62 -12.04 -33.22
CA GLN B 54 6.32 -12.10 -34.52
C GLN B 54 7.16 -13.37 -34.69
N ASP B 55 7.95 -13.67 -33.67
CA ASP B 55 8.97 -14.70 -33.79
C ASP B 55 8.41 -16.14 -33.71
N SER B 56 7.32 -16.33 -32.98
CA SER B 56 6.79 -17.68 -32.66
C SER B 56 5.38 -17.98 -33.14
N GLY B 57 4.63 -16.95 -33.51
CA GLY B 57 3.21 -17.12 -33.67
C GLY B 57 2.66 -17.61 -32.35
N ILE B 58 2.62 -16.69 -31.40
CA ILE B 58 1.97 -16.90 -30.12
C ILE B 58 1.36 -15.55 -29.84
N LYS B 59 0.04 -15.44 -29.90
CA LYS B 59 -0.62 -14.15 -29.66
C LYS B 59 -1.00 -13.98 -28.19
N ILE B 60 -0.74 -12.81 -27.62
CA ILE B 60 -1.11 -12.52 -26.23
C ILE B 60 -2.00 -11.31 -26.11
N GLU B 61 -3.21 -11.52 -25.59
CA GLU B 61 -4.22 -10.49 -25.40
C GLU B 61 -4.16 -9.99 -23.97
N PHE B 62 -3.69 -8.74 -23.77
CA PHE B 62 -3.26 -8.25 -22.44
C PHE B 62 -3.57 -6.79 -22.17
N SER B 63 -4.39 -6.51 -21.15
CA SER B 63 -4.63 -5.12 -20.70
C SER B 63 -3.63 -4.61 -19.61
N ASP B 64 -3.53 -3.28 -19.54
CA ASP B 64 -2.53 -2.55 -18.79
C ASP B 64 -2.53 -2.76 -17.28
N PHE B 65 -1.36 -2.89 -16.72
CA PHE B 65 -1.25 -2.97 -15.28
C PHE B 65 -1.50 -1.62 -14.64
N LYS B 66 -2.50 -1.55 -13.75
CA LYS B 66 -2.65 -0.39 -12.87
C LYS B 66 -1.88 -0.72 -11.61
N CYS B 67 -1.10 0.23 -11.13
CA CYS B 67 -0.25 0.00 -9.97
C CYS B 67 -0.49 1.01 -8.86
N ASN B 68 -0.54 0.54 -7.63
CA ASN B 68 -0.68 1.42 -6.45
C ASN B 68 0.34 0.98 -5.46
N ALA B 69 0.79 1.84 -4.55
CA ALA B 69 1.88 1.41 -3.59
C ALA B 69 1.28 0.64 -2.48
N ASP B 70 1.97 -0.43 -2.08
CA ASP B 70 1.54 -1.22 -0.91
C ASP B 70 2.67 -1.39 0.14
N GLY B 71 3.07 -0.29 0.76
CA GLY B 71 4.14 -0.29 1.76
C GLY B 71 5.48 -0.27 1.07
N ASP B 72 6.34 -1.24 1.39
CA ASP B 72 7.57 -1.42 0.62
C ASP B 72 7.37 -2.00 -0.81
N PHE B 73 6.17 -2.53 -1.09
CA PHE B 73 5.89 -3.22 -2.32
C PHE B 73 5.25 -2.29 -3.30
N ILE B 74 5.28 -2.59 -4.58
CA ILE B 74 4.37 -1.93 -5.49
C ILE B 74 3.49 -2.99 -6.05
N ALA B 75 2.17 -2.87 -5.92
CA ALA B 75 1.25 -3.93 -6.36
C ALA B 75 0.70 -3.48 -7.66
N CYS B 76 0.48 -4.42 -8.56
CA CYS B 76 -0.14 -4.10 -9.85
C CYS B 76 -1.13 -5.16 -10.27
N LEU B 77 -2.04 -4.79 -11.18
CA LEU B 77 -3.11 -5.67 -11.58
C LEU B 77 -3.55 -5.49 -13.01
N SER B 78 -3.55 -6.58 -13.80
CA SER B 78 -4.10 -6.58 -15.21
C SER B 78 -5.28 -7.53 -15.47
N PRO B 79 -6.40 -7.00 -15.89
CA PRO B 79 -7.60 -7.80 -16.17
C PRO B 79 -7.65 -8.56 -17.52
N ASN B 80 -8.30 -9.72 -17.50
CA ASN B 80 -8.65 -10.46 -18.74
C ASN B 80 -7.47 -10.68 -19.63
N PHE B 81 -6.41 -11.16 -19.05
CA PHE B 81 -5.26 -11.59 -19.78
C PHE B 81 -5.68 -12.84 -20.44
N LYS B 82 -5.12 -13.07 -21.62
CA LYS B 82 -5.43 -14.24 -22.42
C LYS B 82 -4.25 -14.51 -23.33
N THR B 83 -4.03 -15.77 -23.66
CA THR B 83 -2.80 -16.15 -24.32
C THR B 83 -3.13 -17.23 -25.34
N LEU B 84 -2.50 -17.18 -26.51
CA LEU B 84 -2.87 -18.15 -27.60
C LEU B 84 -1.68 -18.53 -28.48
N ALA B 85 -1.90 -19.51 -29.36
CA ALA B 85 -0.81 -19.97 -30.22
C ALA B 85 -1.35 -20.88 -31.31
N LYS B 86 -0.63 -20.92 -32.42
CA LYS B 86 -1.15 -21.43 -33.69
C LYS B 86 -1.31 -22.94 -33.77
N ASP B 87 -2.13 -23.36 -34.72
CA ASP B 87 -2.48 -24.77 -34.93
C ASP B 87 -1.40 -25.48 -35.77
N ASN B 88 -1.61 -26.79 -36.00
CA ASN B 88 -0.93 -27.50 -37.09
C ASN B 88 -1.37 -26.83 -38.36
N ASN B 89 -2.66 -26.49 -38.40
CA ASN B 89 -3.19 -25.55 -39.37
C ASN B 89 -2.74 -24.14 -38.98
N ASP B 90 -3.03 -23.14 -39.81
CA ASP B 90 -2.60 -21.77 -39.47
C ASP B 90 -3.30 -21.17 -38.22
N GLU B 91 -4.51 -21.69 -37.90
CA GLU B 91 -5.48 -21.12 -36.96
C GLU B 91 -5.05 -21.01 -35.48
N TYR B 92 -5.03 -19.78 -34.93
CA TYR B 92 -4.71 -19.49 -33.50
C TYR B 92 -5.74 -20.07 -32.50
N GLN B 93 -5.35 -20.95 -31.59
CA GLN B 93 -6.29 -21.40 -30.55
C GLN B 93 -5.82 -20.99 -29.13
N GLU B 94 -6.78 -20.86 -28.21
CA GLU B 94 -6.50 -20.47 -26.81
C GLU B 94 -5.63 -21.50 -26.05
N LEU B 95 -4.50 -21.09 -25.50
CA LEU B 95 -3.78 -21.98 -24.57
C LEU B 95 -4.32 -21.90 -23.14
N PHE B 96 -4.28 -20.70 -22.55
CA PHE B 96 -4.89 -20.41 -21.25
C PHE B 96 -5.28 -18.92 -21.07
N GLN B 97 -5.95 -18.63 -19.96
CA GLN B 97 -6.45 -17.27 -19.65
C GLN B 97 -6.44 -17.01 -18.15
N ALA B 98 -6.62 -15.76 -17.75
CA ALA B 98 -6.96 -15.41 -16.36
C ALA B 98 -7.91 -14.20 -16.23
N LYS B 99 -8.62 -14.11 -15.10
CA LYS B 99 -9.49 -12.94 -14.89
C LYS B 99 -8.58 -11.78 -14.57
N ASN B 100 -7.52 -12.07 -13.80
CA ASN B 100 -6.53 -11.05 -13.48
C ASN B 100 -5.09 -11.52 -13.48
N ILE B 101 -4.14 -10.63 -13.73
CA ILE B 101 -2.78 -10.97 -13.34
C ILE B 101 -2.40 -9.99 -12.23
N LYS B 102 -1.61 -10.42 -11.25
CA LYS B 102 -1.22 -9.55 -10.12
C LYS B 102 0.25 -9.67 -9.76
N ILE B 103 1.01 -8.60 -9.97
CA ILE B 103 2.41 -8.61 -9.63
C ILE B 103 2.63 -7.76 -8.39
N ARG B 104 3.76 -8.02 -7.72
CA ARG B 104 4.18 -7.30 -6.51
C ARG B 104 5.70 -7.35 -6.39
N SER B 105 6.34 -6.22 -6.15
CA SER B 105 7.74 -6.31 -5.84
C SER B 105 8.19 -5.31 -4.89
N ASN B 106 8.93 -5.83 -3.98
CA ASN B 106 9.77 -5.17 -3.06
C ASN B 106 10.95 -4.43 -3.68
N GLU B 107 11.16 -4.60 -4.99
CA GLU B 107 12.46 -4.30 -5.55
C GLU B 107 12.32 -2.96 -6.12
N ILE B 108 12.10 -1.99 -5.27
CA ILE B 108 11.75 -0.69 -5.75
C ILE B 108 12.83 0.36 -5.51
N TYR B 109 13.22 1.01 -6.59
CA TYR B 109 14.22 2.04 -6.54
C TYR B 109 13.52 3.36 -6.38
N LYS B 110 13.79 4.08 -5.29
CA LYS B 110 13.09 5.35 -4.99
C LYS B 110 14.01 6.55 -4.97
N GLY B 111 15.32 6.31 -4.98
CA GLY B 111 16.27 7.40 -5.02
C GLY B 111 16.52 7.92 -6.43
N GLU B 112 15.57 8.65 -7.00
CA GLU B 112 15.74 9.25 -8.32
C GLU B 112 16.85 10.32 -8.40
N THR B 113 18.09 9.86 -8.55
CA THR B 113 19.22 10.67 -8.99
C THR B 113 19.20 11.07 -10.49
N ASN B 114 18.77 10.12 -11.32
CA ASN B 114 18.96 10.06 -12.76
C ASN B 114 20.44 10.19 -13.20
N THR B 115 21.23 9.26 -12.67
CA THR B 115 22.60 9.01 -13.06
C THR B 115 22.79 7.55 -12.72
N SER B 116 22.83 6.71 -13.75
CA SER B 116 22.89 5.25 -13.62
C SER B 116 23.93 4.78 -12.61
N ILE B 117 23.68 3.68 -11.88
CA ILE B 117 24.67 3.15 -10.91
C ILE B 117 25.11 1.70 -11.10
N SER B 118 26.24 1.40 -10.44
CA SER B 118 26.85 0.07 -10.44
C SER B 118 25.85 -1.00 -10.02
N ILE B 119 26.00 -2.22 -10.55
CA ILE B 119 25.06 -3.28 -10.22
C ILE B 119 25.38 -3.84 -8.84
N LYS B 120 26.64 -3.70 -8.46
CA LYS B 120 27.00 -4.10 -7.13
C LYS B 120 26.36 -3.13 -6.17
N GLU B 121 26.32 -1.87 -6.57
CA GLU B 121 25.84 -0.83 -5.68
C GLU B 121 24.34 -0.88 -5.57
N TYR B 122 23.68 -1.31 -6.63
CA TYR B 122 22.26 -1.29 -6.66
C TYR B 122 21.68 -2.28 -5.67
N TYR B 123 22.39 -3.39 -5.47
CA TYR B 123 21.82 -4.49 -4.68
C TYR B 123 22.19 -4.23 -3.24
N ASN B 124 23.44 -3.87 -3.06
CA ASN B 124 23.96 -3.53 -1.75
C ASN B 124 23.06 -2.50 -1.11
N ASP B 125 22.48 -1.63 -1.94
CA ASP B 125 21.65 -0.57 -1.44
C ASP B 125 20.36 -1.24 -1.00
N LEU B 126 19.74 -2.04 -1.84
CA LEU B 126 18.49 -2.68 -1.46
C LEU B 126 18.65 -3.47 -0.18
N PHE B 127 19.75 -4.22 -0.03
CA PHE B 127 19.88 -5.13 1.10
C PHE B 127 20.19 -4.46 2.40
N LYS B 128 20.68 -3.24 2.37
CA LYS B 128 20.81 -2.54 3.66
C LYS B 128 19.37 -2.17 4.11
N ASN B 129 18.62 -1.52 3.22
CA ASN B 129 17.30 -0.95 3.55
C ASN B 129 16.15 -1.95 3.77
N GLN B 130 16.31 -3.18 3.27
CA GLN B 130 15.37 -4.22 3.55
C GLN B 130 16.05 -5.59 3.74
N LYS B 131 15.30 -6.52 4.30
CA LYS B 131 15.81 -7.86 4.52
C LYS B 131 15.76 -8.68 3.23
N SER B 132 14.68 -8.58 2.47
CA SER B 132 14.58 -9.40 1.28
C SER B 132 14.13 -8.70 0.00
N ILE B 133 14.31 -9.39 -1.11
CA ILE B 133 13.69 -8.89 -2.30
C ILE B 133 12.53 -9.81 -2.67
N GLN B 134 11.32 -9.30 -2.82
CA GLN B 134 10.19 -10.21 -3.01
C GLN B 134 9.50 -9.94 -4.28
N SER B 135 9.25 -10.98 -5.05
CA SER B 135 8.52 -10.74 -6.29
C SER B 135 7.43 -11.77 -6.42
N ASN B 136 6.21 -11.31 -6.65
CA ASN B 136 5.12 -12.22 -6.79
C ASN B 136 4.40 -11.93 -8.09
N LEU B 137 4.04 -13.02 -8.76
CA LEU B 137 3.20 -12.93 -9.93
C LEU B 137 2.09 -13.95 -9.73
N VAL B 138 0.84 -13.51 -9.93
CA VAL B 138 -0.31 -14.37 -9.69
C VAL B 138 -1.38 -14.27 -10.79
N PHE B 139 -1.83 -15.46 -11.14
CA PHE B 139 -2.79 -15.64 -12.16
C PHE B 139 -4.07 -16.04 -11.45
N GLU B 140 -5.03 -15.11 -11.42
CA GLU B 140 -6.28 -15.35 -10.76
C GLU B 140 -7.31 -15.92 -11.75
N ASP B 141 -8.01 -16.95 -11.27
CA ASP B 141 -8.99 -17.63 -12.11
C ASP B 141 -8.27 -18.01 -13.38
N PHE B 142 -7.23 -18.80 -13.22
CA PHE B 142 -6.54 -19.31 -14.37
C PHE B 142 -7.32 -20.49 -14.96
N LYS B 143 -7.33 -20.59 -16.29
CA LYS B 143 -8.06 -21.64 -17.02
C LYS B 143 -7.36 -22.09 -18.30
N LEU B 144 -7.18 -23.41 -18.47
CA LEU B 144 -6.75 -23.97 -19.77
C LEU B 144 -7.86 -23.82 -20.81
N GLY B 145 -7.47 -23.80 -22.08
CA GLY B 145 -8.38 -23.60 -23.20
C GLY B 145 -9.02 -24.88 -23.72
N GLU B 146 -10.21 -24.73 -24.31
CA GLU B 146 -11.03 -25.90 -24.66
C GLU B 146 -10.33 -26.86 -25.58
N LYS B 147 -9.46 -26.33 -26.44
CA LYS B 147 -8.66 -27.14 -27.33
C LYS B 147 -7.59 -27.86 -26.52
N VAL B 148 -6.95 -27.16 -25.58
CA VAL B 148 -6.01 -27.85 -24.70
C VAL B 148 -6.77 -28.93 -23.93
N VAL B 149 -7.90 -28.55 -23.37
CA VAL B 149 -8.60 -29.49 -22.51
C VAL B 149 -9.08 -30.71 -23.33
N SER B 150 -9.47 -30.52 -24.57
CA SER B 150 -9.72 -31.68 -25.46
C SER B 150 -8.46 -32.54 -25.63
N ASP B 151 -7.34 -31.87 -25.93
CA ASP B 151 -6.05 -32.56 -26.10
C ASP B 151 -5.74 -33.49 -24.93
N ILE B 152 -5.79 -32.97 -23.71
CA ILE B 152 -5.49 -33.77 -22.52
C ILE B 152 -6.37 -34.99 -22.38
N ASN B 153 -7.66 -34.80 -22.62
CA ASN B 153 -8.64 -35.90 -22.69
C ASN B 153 -8.41 -36.97 -23.78
N ALA B 154 -7.76 -36.60 -24.88
CA ALA B 154 -7.35 -37.64 -25.80
C ALA B 154 -6.20 -38.33 -25.09
N SER B 155 -5.09 -37.61 -24.93
CA SER B 155 -3.90 -38.13 -24.27
C SER B 155 -4.24 -39.17 -23.20
N LEU B 156 -4.67 -38.73 -22.03
CA LEU B 156 -4.99 -39.65 -20.95
C LEU B 156 -6.33 -40.37 -21.25
N PHE B 157 -6.30 -41.34 -22.16
CA PHE B 157 -7.51 -42.07 -22.54
C PHE B 157 -7.76 -43.32 -21.65
N GLN B 158 -9.04 -43.75 -21.62
CA GLN B 158 -9.53 -44.72 -20.66
C GLN B 158 -10.94 -45.12 -21.05
N GLN B 159 -11.30 -46.36 -20.76
CA GLN B 159 -12.61 -46.90 -21.08
C GLN B 159 -13.56 -46.76 -19.89
N ASP B 160 -13.02 -46.26 -18.77
CA ASP B 160 -13.80 -46.02 -17.55
C ASP B 160 -14.43 -44.60 -17.57
N PRO B 161 -15.78 -44.53 -17.56
CA PRO B 161 -16.53 -43.28 -17.70
C PRO B 161 -16.54 -42.33 -16.50
N LYS B 162 -16.16 -42.79 -15.31
CA LYS B 162 -15.92 -41.85 -14.18
C LYS B 162 -14.63 -41.06 -14.31
N ILE B 163 -13.58 -41.71 -14.80
CA ILE B 163 -12.26 -41.06 -14.86
C ILE B 163 -12.22 -40.00 -15.95
N SER B 164 -12.88 -40.25 -17.08
CA SER B 164 -12.95 -39.26 -18.14
C SER B 164 -13.58 -37.98 -17.60
N SER B 165 -14.79 -38.10 -17.04
CA SER B 165 -15.50 -36.94 -16.45
C SER B 165 -14.71 -36.30 -15.30
N PHE B 166 -13.96 -37.10 -14.56
CA PHE B 166 -13.19 -36.56 -13.46
C PHE B 166 -12.04 -35.71 -13.98
N ILE B 167 -11.32 -36.28 -14.93
CA ILE B 167 -10.25 -35.56 -15.56
C ILE B 167 -10.81 -34.31 -16.24
N ASN B 168 -11.78 -34.48 -17.15
CA ASN B 168 -12.43 -33.32 -17.78
C ASN B 168 -12.72 -32.24 -16.75
N LYS B 169 -13.47 -32.60 -15.73
CA LYS B 169 -13.87 -31.69 -14.65
C LYS B 169 -12.69 -30.92 -14.12
N LEU B 170 -11.59 -31.63 -13.96
CA LEU B 170 -10.42 -31.12 -13.27
C LEU B 170 -9.60 -30.20 -14.20
N SER B 171 -9.36 -30.66 -15.41
CA SER B 171 -8.66 -29.86 -16.41
C SER B 171 -9.46 -28.64 -16.84
N SER B 172 -10.78 -28.80 -16.83
CA SER B 172 -11.71 -27.77 -17.23
C SER B 172 -11.95 -26.69 -16.18
N ASP B 173 -11.98 -27.05 -14.91
CA ASP B 173 -12.25 -26.03 -13.89
C ASP B 173 -11.04 -25.07 -13.61
N SER B 174 -11.32 -24.05 -12.80
CA SER B 174 -10.46 -22.89 -12.60
C SER B 174 -9.49 -23.04 -11.40
N TYR B 175 -8.32 -22.44 -11.56
CA TYR B 175 -7.21 -22.55 -10.64
C TYR B 175 -6.60 -21.20 -10.37
N THR B 176 -5.77 -21.17 -9.35
CA THR B 176 -4.95 -20.04 -8.98
C THR B 176 -3.49 -20.49 -9.23
N LEU B 177 -2.71 -19.68 -9.94
CA LEU B 177 -1.35 -20.06 -10.23
C LEU B 177 -0.49 -18.93 -9.77
N SER B 178 0.52 -19.25 -8.99
CA SER B 178 1.38 -18.18 -8.56
C SER B 178 2.86 -18.56 -8.56
N PHE B 179 3.69 -17.57 -8.83
CA PHE B 179 5.12 -17.72 -8.77
C PHE B 179 5.63 -16.72 -7.74
N ASP B 180 6.37 -17.18 -6.72
CA ASP B 180 6.93 -16.32 -5.69
C ASP B 180 8.47 -16.45 -5.64
N ASN B 181 9.20 -15.37 -5.90
CA ASN B 181 10.68 -15.35 -5.70
C ASN B 181 11.17 -14.44 -4.62
N SER B 182 11.92 -14.99 -3.70
CA SER B 182 12.60 -14.16 -2.74
C SER B 182 14.13 -14.36 -2.73
N ILE B 183 14.85 -13.35 -2.30
CA ILE B 183 16.29 -13.39 -2.26
C ILE B 183 16.73 -12.80 -0.98
N ASN B 184 17.73 -13.39 -0.35
CA ASN B 184 18.15 -12.95 0.95
C ASN B 184 19.66 -12.88 1.00
N LYS B 185 20.20 -11.88 1.68
CA LYS B 185 21.65 -11.80 1.84
C LYS B 185 21.95 -12.57 3.10
N GLN B 186 22.93 -13.46 3.05
CA GLN B 186 23.43 -14.10 4.25
C GLN B 186 24.91 -14.30 4.08
N GLU B 187 25.63 -14.36 5.21
CA GLU B 187 27.10 -14.26 5.20
C GLU B 187 27.40 -13.29 4.05
N ASN B 188 28.38 -13.59 3.20
CA ASN B 188 28.59 -12.82 1.97
C ASN B 188 27.89 -13.48 0.76
N ASN B 189 26.80 -14.21 0.94
CA ASN B 189 26.17 -14.89 -0.23
C ASN B 189 24.66 -14.70 -0.33
N TYR B 190 24.09 -14.92 -1.51
CA TYR B 190 22.69 -14.64 -1.70
C TYR B 190 21.86 -15.95 -1.82
N LEU B 191 20.84 -16.10 -1.01
CA LEU B 191 20.02 -17.30 -0.98
C LEU B 191 18.72 -16.96 -1.63
N ASP B 192 18.40 -17.64 -2.73
CA ASP B 192 17.24 -17.33 -3.52
C ASP B 192 16.29 -18.49 -3.59
N ASN B 193 15.00 -18.20 -3.45
CA ASN B 193 14.02 -19.26 -3.35
C ASN B 193 12.82 -18.99 -4.24
N LEU B 194 12.65 -19.83 -5.27
CA LEU B 194 11.53 -19.77 -6.18
C LEU B 194 10.46 -20.70 -5.68
N ASP B 195 9.18 -20.29 -5.81
CA ASP B 195 7.99 -21.10 -5.42
C ASP B 195 6.79 -20.96 -6.38
N ILE B 196 6.40 -22.08 -6.98
CA ILE B 196 5.28 -22.06 -7.89
C ILE B 196 4.14 -22.86 -7.31
N LYS B 197 2.99 -22.22 -7.13
CA LYS B 197 1.83 -22.90 -6.58
C LYS B 197 0.76 -22.97 -7.62
N PHE B 198 0.01 -24.06 -7.60
CA PHE B 198 -1.07 -24.22 -8.58
C PHE B 198 -2.22 -24.90 -7.85
N TYR B 199 -3.36 -24.22 -7.67
CA TYR B 199 -4.36 -24.76 -6.75
C TYR B 199 -5.82 -24.34 -6.86
N ASN B 200 -6.61 -25.23 -6.28
CA ASN B 200 -8.04 -25.03 -6.21
C ASN B 200 -8.50 -26.00 -5.16
N ALA B 201 -9.81 -26.14 -4.95
CA ALA B 201 -10.34 -26.93 -3.85
C ALA B 201 -10.00 -28.41 -4.02
N LYS B 202 -9.75 -28.85 -5.24
CA LYS B 202 -9.54 -30.27 -5.50
C LYS B 202 -8.04 -30.57 -5.66
N LEU B 203 -7.34 -29.65 -6.30
CA LEU B 203 -5.94 -29.86 -6.58
C LEU B 203 -5.04 -28.88 -5.78
N ASN B 204 -3.91 -29.38 -5.29
CA ASN B 204 -2.92 -28.43 -4.77
C ASN B 204 -1.48 -28.82 -5.05
N PHE B 205 -0.86 -28.11 -5.98
CA PHE B 205 0.50 -28.40 -6.45
C PHE B 205 1.49 -27.27 -6.12
N ASN B 206 2.41 -27.58 -5.21
CA ASN B 206 3.38 -26.62 -4.74
C ASN B 206 4.80 -27.19 -4.96
N THR B 207 5.55 -26.52 -5.83
CA THR B 207 6.95 -26.84 -6.13
C THR B 207 7.84 -25.67 -5.85
N ASN B 208 9.02 -25.96 -5.35
CA ASN B 208 9.93 -24.97 -4.80
C ASN B 208 11.40 -25.33 -5.10
N LEU B 209 12.18 -24.35 -5.55
CA LEU B 209 13.63 -24.53 -5.83
C LEU B 209 14.45 -23.55 -5.04
N ASN B 210 15.41 -24.03 -4.29
CA ASN B 210 16.19 -23.14 -3.44
C ASN B 210 17.63 -23.10 -3.95
N ILE B 211 18.04 -21.96 -4.45
CA ILE B 211 19.39 -21.74 -4.98
C ILE B 211 20.29 -21.05 -3.95
N ASN B 212 21.59 -21.04 -4.25
CA ASN B 212 22.52 -20.15 -3.60
C ASN B 212 23.37 -19.48 -4.67
N LEU B 213 23.43 -18.15 -4.65
CA LEU B 213 24.19 -17.39 -5.63
C LEU B 213 25.27 -16.63 -5.00
N LYS B 214 26.51 -17.00 -5.30
CA LYS B 214 27.74 -16.48 -4.61
C LYS B 214 27.96 -15.00 -4.92
N GLU B 215 28.41 -14.29 -3.89
CA GLU B 215 28.88 -12.90 -4.03
C GLU B 215 29.74 -12.63 -5.27
N ASP B 216 30.65 -13.52 -5.58
CA ASP B 216 31.41 -13.34 -6.78
C ASP B 216 30.65 -13.16 -8.08
N LEU B 217 29.37 -13.58 -8.17
CA LEU B 217 28.68 -13.45 -9.41
C LEU B 217 28.42 -11.98 -9.62
N LEU B 218 28.16 -11.27 -8.52
CA LEU B 218 27.87 -9.85 -8.58
C LEU B 218 29.15 -9.14 -8.97
N ASN B 219 30.21 -9.32 -8.17
CA ASN B 219 31.54 -8.80 -8.49
C ASN B 219 31.81 -9.05 -9.95
N TYR B 220 31.61 -10.28 -10.39
CA TYR B 220 31.77 -10.61 -11.82
C TYR B 220 30.90 -9.74 -12.72
N LEU B 221 29.64 -9.54 -12.37
CA LEU B 221 28.78 -8.77 -13.23
C LEU B 221 29.20 -7.34 -13.21
N ASP B 222 29.47 -6.84 -12.02
CA ASP B 222 30.03 -5.49 -11.86
C ASP B 222 31.32 -5.36 -12.66
N SER B 223 32.17 -6.35 -12.55
CA SER B 223 33.33 -6.45 -13.42
C SER B 223 32.96 -6.11 -14.88
N LYS B 224 32.13 -6.91 -15.53
CA LYS B 224 31.75 -6.64 -16.93
C LYS B 224 31.06 -5.30 -17.17
N GLY B 225 30.95 -4.47 -16.15
CA GLY B 225 30.58 -3.08 -16.33
C GLY B 225 29.09 -2.81 -16.34
N ILE B 226 28.29 -3.79 -15.91
CA ILE B 226 26.83 -3.66 -15.94
C ILE B 226 26.42 -2.73 -14.83
N LYS B 227 25.43 -1.88 -15.12
CA LYS B 227 25.02 -0.78 -14.23
C LYS B 227 23.50 -0.64 -14.32
N PHE B 228 22.82 -0.36 -13.21
CA PHE B 228 21.38 -0.19 -13.20
C PHE B 228 21.06 1.20 -13.67
N ASN B 229 20.14 1.32 -14.63
CA ASN B 229 19.81 2.61 -15.24
C ASN B 229 18.61 3.22 -14.57
N THR B 230 18.85 4.27 -13.84
CA THR B 230 17.86 4.87 -12.99
C THR B 230 16.70 5.51 -13.75
N GLN B 231 16.88 5.79 -15.03
CA GLN B 231 15.79 6.34 -15.80
C GLN B 231 14.93 5.26 -16.39
N THR B 232 15.51 4.11 -16.67
CA THR B 232 14.85 3.03 -17.39
C THR B 232 14.39 1.93 -16.49
N LEU B 233 15.13 1.75 -15.39
CA LEU B 233 14.91 0.69 -14.43
C LEU B 233 15.34 -0.65 -14.97
N ALA B 234 16.30 -0.65 -15.87
CA ALA B 234 16.88 -1.87 -16.40
C ALA B 234 18.38 -1.92 -16.05
N MET B 235 18.97 -3.10 -16.19
CA MET B 235 20.39 -3.17 -16.22
C MET B 235 20.82 -2.77 -17.60
N ASP B 236 21.99 -2.11 -17.68
CA ASP B 236 22.58 -1.70 -18.95
C ASP B 236 24.05 -2.07 -18.97
N GLU B 237 24.59 -2.18 -20.18
CA GLU B 237 26.03 -2.31 -20.40
C GLU B 237 26.42 -1.57 -21.68
N GLN B 238 27.70 -1.26 -21.79
CA GLN B 238 28.22 -0.58 -22.95
C GLN B 238 28.05 -1.53 -24.13
N ALA B 239 27.66 -1.01 -25.27
CA ALA B 239 27.42 -1.86 -26.43
C ALA B 239 28.71 -2.27 -27.17
N ILE B 240 29.89 -1.98 -26.59
CA ILE B 240 31.14 -2.59 -27.03
C ILE B 240 31.21 -4.06 -26.56
N ASN B 241 30.66 -4.35 -25.39
CA ASN B 241 30.66 -5.73 -24.87
C ASN B 241 30.12 -6.82 -25.82
N GLU B 242 29.14 -6.46 -26.66
CA GLU B 242 28.54 -7.34 -27.68
C GLU B 242 29.40 -7.47 -28.98
N LEU B 243 30.41 -6.61 -29.12
CA LEU B 243 31.42 -6.75 -30.17
C LEU B 243 32.42 -7.90 -29.85
N LEU B 244 32.43 -8.37 -28.59
CA LEU B 244 33.28 -9.53 -28.17
C LEU B 244 33.10 -10.76 -29.08
N ASP B 254 30.88 -18.62 -22.93
CA ASP B 254 31.89 -18.07 -22.01
C ASP B 254 31.27 -17.47 -20.75
N PHE B 255 30.32 -16.57 -20.96
CA PHE B 255 29.53 -15.94 -19.90
C PHE B 255 28.79 -17.01 -19.11
N SER B 256 27.97 -17.81 -19.80
CA SER B 256 27.15 -18.82 -19.14
C SER B 256 27.98 -19.89 -18.47
N ASN B 257 29.13 -20.22 -19.05
CA ASN B 257 30.07 -21.12 -18.42
C ASN B 257 30.64 -20.49 -17.16
N THR B 258 30.90 -19.18 -17.21
CA THR B 258 31.48 -18.47 -16.06
C THR B 258 30.41 -18.02 -15.04
N ILE B 259 29.15 -18.01 -15.45
CA ILE B 259 28.05 -17.61 -14.55
C ILE B 259 27.68 -18.80 -13.66
N GLN B 260 27.66 -19.97 -14.28
CA GLN B 260 27.33 -21.21 -13.61
C GLN B 260 28.36 -21.52 -12.55
N LYS B 261 29.53 -20.92 -12.65
CA LYS B 261 30.51 -21.11 -11.62
C LYS B 261 30.05 -20.64 -10.22
N TYR B 262 29.00 -19.82 -10.16
CA TYR B 262 28.67 -19.05 -8.97
C TYR B 262 27.28 -19.39 -8.42
N ILE B 263 26.76 -20.53 -8.88
CA ILE B 263 25.43 -20.99 -8.50
C ILE B 263 25.58 -22.39 -7.96
N ILE B 264 24.90 -22.64 -6.85
CA ILE B 264 24.92 -23.91 -6.20
C ILE B 264 23.49 -24.20 -5.96
N LEU B 265 22.94 -25.30 -6.44
CA LEU B 265 21.56 -25.62 -6.11
C LEU B 265 21.55 -26.21 -4.72
N ASN B 266 20.47 -25.97 -4.00
CA ASN B 266 20.34 -26.42 -2.65
C ASN B 266 19.36 -27.52 -2.55
N ASN B 267 18.13 -27.22 -2.88
CA ASN B 267 17.03 -28.14 -2.67
C ASN B 267 15.98 -27.87 -3.67
N PHE B 268 15.38 -28.96 -4.14
CA PHE B 268 14.24 -28.90 -4.98
C PHE B 268 13.14 -29.79 -4.39
N LYS B 269 11.93 -29.26 -4.24
CA LYS B 269 10.86 -29.97 -3.53
C LYS B 269 9.55 -29.97 -4.32
N ILE B 270 8.82 -31.07 -4.27
CA ILE B 270 7.50 -31.11 -4.86
C ILE B 270 6.59 -31.53 -3.79
N ASP B 271 5.58 -30.72 -3.50
CA ASP B 271 4.49 -31.13 -2.58
C ASP B 271 3.15 -30.86 -3.22
N SER B 272 2.33 -31.91 -3.40
CA SER B 272 0.99 -31.79 -3.94
C SER B 272 0.05 -32.76 -3.30
N THR B 273 -1.22 -32.39 -3.23
CA THR B 273 -2.27 -33.33 -2.89
C THR B 273 -3.43 -33.20 -3.90
N LEU B 274 -4.25 -34.26 -3.94
CA LEU B 274 -5.33 -34.45 -4.92
C LEU B 274 -6.55 -35.23 -4.40
N LYS B 275 -7.72 -34.59 -4.48
CA LYS B 275 -9.00 -35.20 -4.12
C LYS B 275 -9.58 -35.96 -5.31
N THR B 276 -9.24 -37.24 -5.41
CA THR B 276 -9.65 -38.07 -6.55
C THR B 276 -11.09 -38.54 -6.53
N GLU B 277 -11.68 -38.61 -5.33
CA GLU B 277 -13.02 -39.16 -5.15
C GLU B 277 -13.03 -40.70 -5.39
N GLY B 278 -11.89 -41.34 -5.16
CA GLY B 278 -11.82 -42.81 -5.16
C GLY B 278 -11.57 -43.41 -6.51
N VAL B 279 -11.70 -42.60 -7.55
CA VAL B 279 -11.87 -43.07 -8.93
C VAL B 279 -10.71 -43.86 -9.52
N PHE B 280 -9.54 -43.77 -8.93
CA PHE B 280 -8.39 -44.51 -9.45
C PHE B 280 -8.20 -45.81 -8.68
N SER B 281 -9.13 -46.16 -7.81
CA SER B 281 -8.92 -47.29 -6.91
C SER B 281 -8.61 -48.60 -7.66
N SER B 282 -9.26 -48.80 -8.81
CA SER B 282 -9.08 -50.05 -9.58
C SER B 282 -7.81 -49.98 -10.44
N TYR B 283 -7.53 -48.83 -11.02
CA TYR B 283 -6.29 -48.66 -11.75
C TYR B 283 -5.06 -48.79 -10.85
N ILE B 284 -5.10 -48.19 -9.67
CA ILE B 284 -3.90 -48.26 -8.82
C ILE B 284 -3.67 -49.73 -8.42
N ALA B 285 -4.74 -50.37 -7.94
CA ALA B 285 -4.69 -51.76 -7.45
C ALA B 285 -3.88 -52.69 -8.33
N THR B 286 -4.20 -52.69 -9.61
CA THR B 286 -3.59 -53.63 -10.54
C THR B 286 -2.09 -53.31 -10.58
N ALA B 287 -1.78 -52.03 -10.77
CA ALA B 287 -0.40 -51.57 -10.79
C ALA B 287 0.37 -52.06 -9.56
N LYS B 288 -0.31 -52.21 -8.43
CA LYS B 288 0.35 -52.66 -7.21
C LYS B 288 0.75 -54.12 -7.31
N GLU B 289 -0.22 -54.95 -7.61
CA GLU B 289 0.02 -56.38 -7.63
C GLU B 289 1.11 -56.64 -8.69
N ASN B 290 1.05 -55.92 -9.80
CA ASN B 290 2.10 -56.01 -10.81
C ASN B 290 3.45 -55.88 -10.14
N LEU B 291 3.66 -54.75 -9.49
CA LEU B 291 4.93 -54.52 -8.81
C LEU B 291 5.31 -55.69 -7.94
N GLN B 292 4.35 -56.26 -7.19
CA GLN B 292 4.66 -57.38 -6.28
C GLN B 292 5.14 -58.58 -7.06
N THR B 293 4.31 -59.01 -8.01
CA THR B 293 4.65 -60.11 -8.89
C THR B 293 5.88 -59.77 -9.74
N LEU B 294 6.03 -58.50 -10.09
CA LEU B 294 7.17 -58.05 -10.92
C LEU B 294 8.47 -58.00 -10.10
N LYS B 295 8.37 -57.55 -8.85
CA LYS B 295 9.50 -57.58 -7.93
C LYS B 295 10.07 -58.98 -7.80
N ALA B 296 9.21 -59.95 -7.47
CA ALA B 296 9.61 -61.36 -7.29
C ALA B 296 9.96 -62.07 -8.60
N GLN B 297 9.79 -61.37 -9.73
CA GLN B 297 10.09 -61.94 -11.06
C GLN B 297 11.56 -61.85 -11.46
N SER B 298 12.31 -60.90 -10.91
CA SER B 298 13.61 -60.57 -11.48
C SER B 298 14.68 -60.02 -10.55
N GLN B 299 15.85 -60.64 -10.63
CA GLN B 299 17.11 -60.05 -10.16
C GLN B 299 17.61 -59.08 -11.24
N ASN B 300 18.66 -58.27 -11.01
CA ASN B 300 19.55 -58.36 -9.85
C ASN B 300 18.94 -57.80 -8.59
N GLU B 301 19.66 -57.98 -7.48
CA GLU B 301 19.25 -57.47 -6.19
C GLU B 301 19.01 -55.97 -6.32
N GLU B 302 19.74 -55.33 -7.24
CA GLU B 302 19.53 -53.91 -7.54
C GLU B 302 18.09 -53.77 -8.02
N GLN B 303 17.74 -54.52 -9.05
CA GLN B 303 16.41 -54.48 -9.63
C GLN B 303 15.32 -54.67 -8.55
N ALA B 304 15.59 -55.56 -7.61
CA ALA B 304 14.62 -55.88 -6.56
C ALA B 304 14.29 -54.70 -5.66
N LEU B 305 15.31 -53.91 -5.31
CA LEU B 305 15.11 -52.78 -4.40
C LEU B 305 14.36 -51.65 -5.08
N ILE B 306 14.44 -51.55 -6.41
CA ILE B 306 13.69 -50.52 -7.14
C ILE B 306 12.19 -50.80 -7.06
N PHE B 307 11.85 -52.04 -7.39
CA PHE B 307 10.47 -52.46 -7.38
C PHE B 307 9.94 -52.47 -5.96
N ASP B 308 10.81 -52.82 -5.02
CA ASP B 308 10.53 -52.65 -3.61
C ASP B 308 10.17 -51.18 -3.31
N LYS B 309 11.09 -50.26 -3.58
CA LYS B 309 10.88 -48.84 -3.27
C LYS B 309 9.69 -48.24 -3.97
N ALA B 310 9.40 -48.73 -5.17
CA ALA B 310 8.25 -48.24 -5.92
C ALA B 310 6.98 -48.64 -5.16
N LEU B 311 6.97 -49.88 -4.69
CA LEU B 311 5.85 -50.38 -3.92
C LEU B 311 5.58 -49.45 -2.76
N ALA B 312 6.59 -49.28 -1.91
CA ALA B 312 6.48 -48.53 -0.66
C ALA B 312 5.94 -47.14 -0.96
N ILE B 313 6.48 -46.50 -1.97
CA ILE B 313 6.01 -45.16 -2.29
C ILE B 313 4.55 -45.15 -2.67
N LEU B 314 4.17 -45.98 -3.64
CA LEU B 314 2.80 -45.99 -4.13
C LEU B 314 1.78 -46.18 -2.99
N ASN B 315 2.06 -47.11 -2.09
CA ASN B 315 1.21 -47.23 -0.91
C ASN B 315 1.07 -45.86 -0.29
N ASN B 316 2.20 -45.20 -0.10
CA ASN B 316 2.22 -44.00 0.74
C ASN B 316 1.51 -42.88 0.09
N ILE B 317 1.71 -42.73 -1.19
CA ILE B 317 1.10 -41.63 -1.91
C ILE B 317 -0.38 -41.73 -1.78
N THR B 318 -0.85 -42.98 -1.73
CA THR B 318 -2.15 -43.34 -2.25
C THR B 318 -3.11 -43.93 -1.21
N GLN B 319 -2.82 -43.73 0.08
CA GLN B 319 -3.63 -44.32 1.15
C GLN B 319 -5.04 -43.80 1.23
N ASN B 320 -5.30 -42.57 0.84
CA ASN B 320 -6.67 -42.03 0.84
C ASN B 320 -7.01 -41.55 -0.55
N ASP B 321 -8.21 -41.02 -0.70
CA ASP B 321 -8.65 -40.49 -1.99
C ASP B 321 -8.06 -39.12 -2.22
N ASP B 322 -7.62 -38.51 -1.11
CA ASP B 322 -6.68 -37.38 -1.17
C ASP B 322 -5.25 -37.94 -1.33
N TYR B 323 -4.73 -37.84 -2.55
CA TYR B 323 -3.37 -38.31 -2.84
C TYR B 323 -2.32 -37.29 -2.39
N LYS B 324 -1.30 -37.77 -1.70
CA LYS B 324 -0.25 -36.88 -1.18
C LYS B 324 1.09 -37.26 -1.78
N LEU B 325 1.80 -36.28 -2.33
CA LEU B 325 3.13 -36.50 -2.87
C LEU B 325 4.06 -35.56 -2.14
N ASN B 326 5.17 -36.06 -1.62
CA ASN B 326 6.13 -35.20 -0.91
C ASN B 326 7.56 -35.46 -1.31
N LEU B 327 8.04 -34.67 -2.26
CA LEU B 327 9.36 -34.86 -2.82
C LEU B 327 10.39 -33.83 -2.30
N ASP B 328 11.56 -34.32 -1.90
CA ASP B 328 12.68 -33.46 -1.50
C ASP B 328 13.97 -34.00 -2.07
N LEU B 329 14.45 -33.29 -3.09
CA LEU B 329 15.69 -33.58 -3.83
C LEU B 329 16.75 -32.62 -3.33
N LYS B 330 17.83 -33.14 -2.77
CA LYS B 330 18.88 -32.30 -2.22
C LYS B 330 20.10 -32.42 -3.09
N PHE B 331 20.53 -31.33 -3.71
CA PHE B 331 21.76 -31.33 -4.50
C PHE B 331 22.97 -31.16 -3.58
N LYS B 332 24.15 -31.40 -4.14
CA LYS B 332 25.37 -31.32 -3.36
C LYS B 332 25.87 -29.92 -3.46
N ASN B 333 26.69 -29.52 -2.50
CA ASN B 333 27.04 -28.11 -2.39
C ASN B 333 28.12 -27.71 -3.39
N ILE B 334 27.98 -28.15 -4.64
CA ILE B 334 28.90 -27.75 -5.71
C ILE B 334 28.15 -26.87 -6.70
N PRO B 335 28.92 -26.09 -7.47
CA PRO B 335 28.44 -25.27 -8.58
C PRO B 335 27.74 -26.03 -9.69
N VAL B 336 26.77 -25.37 -10.32
CA VAL B 336 26.13 -25.92 -11.50
C VAL B 336 27.19 -26.16 -12.58
N SER B 337 28.20 -25.33 -12.64
CA SER B 337 29.29 -25.53 -13.60
C SER B 337 29.98 -26.94 -13.51
N ASP B 338 29.89 -27.61 -12.37
CA ASP B 338 30.50 -28.93 -12.20
C ASP B 338 29.58 -30.10 -12.55
N TYR B 339 28.27 -29.86 -12.68
CA TYR B 339 27.30 -30.94 -12.91
C TYR B 339 27.63 -31.64 -14.20
N SER B 340 27.86 -30.83 -15.24
CA SER B 340 28.00 -31.33 -16.59
C SER B 340 28.82 -32.62 -16.62
N THR B 341 30.00 -32.57 -16.00
CA THR B 341 30.89 -33.73 -15.90
C THR B 341 30.26 -34.97 -15.20
N GLN B 342 29.50 -34.79 -14.09
CA GLN B 342 28.84 -35.94 -13.38
C GLN B 342 27.38 -35.74 -12.91
N GLY B 343 26.50 -35.32 -13.83
CA GLY B 343 25.07 -35.01 -13.52
C GLY B 343 24.35 -35.83 -12.45
N ILE B 344 24.71 -37.10 -12.30
CA ILE B 344 24.19 -38.00 -11.26
C ILE B 344 24.79 -37.67 -9.90
N ASP B 345 26.11 -37.68 -9.82
CA ASP B 345 26.79 -37.49 -8.56
C ASP B 345 26.70 -36.07 -8.08
N SER B 346 25.95 -35.25 -8.82
CA SER B 346 25.54 -33.93 -8.36
C SER B 346 24.45 -33.97 -7.31
N ILE B 347 23.74 -35.09 -7.21
CA ILE B 347 22.64 -35.16 -6.28
C ILE B 347 23.06 -35.97 -5.05
N GLU B 348 22.60 -35.53 -3.90
CA GLU B 348 23.04 -36.03 -2.63
C GLU B 348 22.03 -36.90 -1.96
N LYS B 349 20.77 -36.53 -2.07
CA LYS B 349 19.72 -37.26 -1.40
C LYS B 349 18.38 -37.01 -2.06
N LEU B 350 17.67 -38.08 -2.39
CA LEU B 350 16.25 -37.99 -2.81
C LEU B 350 15.38 -38.54 -1.71
N SER B 351 14.22 -37.93 -1.48
CA SER B 351 13.21 -38.43 -0.55
C SER B 351 11.81 -38.32 -1.13
N ILE B 352 11.06 -39.41 -1.19
CA ILE B 352 9.64 -39.28 -1.54
C ILE B 352 8.77 -39.84 -0.46
N ASN B 353 7.78 -39.06 -0.06
CA ASN B 353 6.82 -39.52 0.89
C ASN B 353 7.49 -40.32 1.99
N ASN B 354 8.44 -39.69 2.65
CA ASN B 354 9.13 -40.29 3.78
C ASN B 354 9.98 -41.53 3.43
N GLN B 355 10.24 -41.75 2.14
CA GLN B 355 11.17 -42.81 1.71
C GLN B 355 12.49 -42.22 1.20
N ASP B 356 13.56 -42.99 1.32
CA ASP B 356 14.82 -42.61 0.73
C ASP B 356 14.95 -43.28 -0.63
N ALA B 357 14.65 -42.51 -1.69
CA ALA B 357 14.78 -42.98 -3.07
C ALA B 357 16.12 -42.63 -3.75
N THR B 358 17.15 -42.35 -2.95
CA THR B 358 18.42 -41.92 -3.52
C THR B 358 18.87 -43.02 -4.46
N GLU B 359 19.20 -44.19 -3.90
CA GLU B 359 19.72 -45.33 -4.67
C GLU B 359 18.99 -45.55 -5.96
N ALA B 360 17.68 -45.41 -5.92
CA ALA B 360 16.85 -45.64 -7.08
C ALA B 360 17.00 -44.59 -8.15
N LEU B 361 17.25 -43.32 -7.82
CA LEU B 361 17.48 -42.36 -8.89
C LEU B 361 18.84 -42.67 -9.47
N LYS B 362 19.81 -43.01 -8.62
CA LYS B 362 21.15 -43.38 -9.12
C LYS B 362 21.05 -44.51 -10.13
N ILE B 363 20.03 -45.35 -9.99
CA ILE B 363 19.84 -46.50 -10.87
C ILE B 363 18.92 -46.19 -12.06
N ILE B 364 17.69 -45.76 -11.77
CA ILE B 364 16.68 -45.48 -12.80
C ILE B 364 16.89 -44.21 -13.65
N LEU B 365 17.85 -43.34 -13.29
CA LEU B 365 18.14 -42.14 -14.08
C LEU B 365 19.14 -42.42 -15.20
N PRO B 366 20.38 -42.89 -14.85
CA PRO B 366 21.31 -43.35 -15.90
C PRO B 366 20.69 -44.29 -16.95
N PHE B 367 19.96 -45.28 -16.51
CA PHE B 367 19.18 -46.08 -17.44
C PHE B 367 18.38 -45.16 -18.35
N ILE B 368 17.69 -44.19 -17.75
CA ILE B 368 16.72 -43.41 -18.50
C ILE B 368 17.40 -42.43 -19.46
N MET B 369 18.43 -41.73 -18.98
CA MET B 369 19.24 -40.86 -19.87
C MET B 369 19.91 -41.64 -20.99
N PHE B 370 20.20 -42.91 -20.73
CA PHE B 370 20.78 -43.81 -21.72
C PHE B 370 19.71 -44.16 -22.76
N SER B 371 18.46 -44.31 -22.31
CA SER B 371 17.33 -44.63 -23.20
C SER B 371 17.11 -43.55 -24.26
N MET B 372 17.32 -42.28 -23.87
CA MET B 372 17.24 -41.13 -24.80
C MET B 372 17.94 -41.45 -26.13
N LEU B 373 19.25 -41.73 -26.06
CA LEU B 373 20.08 -41.94 -27.25
C LEU B 373 19.95 -43.36 -27.79
#